data_5LIA
#
_entry.id   5LIA
#
_cell.length_a   61.160
_cell.length_b   61.580
_cell.length_c   66.140
_cell.angle_alpha   85.77
_cell.angle_beta   72.68
_cell.angle_gamma   80.21
#
_symmetry.space_group_name_H-M   'P 1'
#
loop_
_entity.id
_entity.type
_entity.pdbx_description
1 polymer 'Ectonucleotide pyrophosphatase/phosphodiesterase family member 2'
2 branched alpha-D-mannopyranose-(1-2)-alpha-D-mannopyranose-(1-3)-alpha-D-mannopyranose-(1-6)-beta-D-mannopyranose-(1-4)-2-acetamido-2-deoxy-beta-D-glucopyranose-(1-4)-2-acetamido-2-deoxy-beta-D-glucopyranose
3 non-polymer 2-acetamido-2-deoxy-beta-D-glucopyranose
4 non-polymer ~{N}-[(1~{S})-1-(4-chlorophenyl)ethyl]-3-[3-[[4-(trifluoromethyloxy)phenyl]methyl]imidazo[4,5-b]pyridin-2-yl]propanamide
5 non-polymer 'ZINC ION'
6 non-polymer 'SULFATE ION'
7 non-polymer 'CALCIUM ION'
8 non-polymer 'SODIUM ION'
9 non-polymer 'POTASSIUM ION'
10 non-polymer 1,2-ETHANEDIOL
11 water water
#
_entity_poly.entity_id   1
_entity_poly.type   'polypeptide(L)'
_entity_poly.pdbx_seq_one_letter_code
;AEWDEGPPTVLSDSPWTNTSGSCKGRCFELQEVGPPDCRCDNLCKSYSSCCHDFDELCLKTARGWECTKDRCGEVRNEEN
ACHCSEDCLSRGDCCTNYQVVCKGESHWVDDDCEEIRVPECPAGFVRPPLIIFSVDGFRASYMKKGSKVMPNIEKLRSCG
THAPYMRPVYPTKTFPNLYTLATGLYPESHGIVGNSMYDPVFDATFHLRGREKFNHRWWGGQPLWITATKQGVRAGTFFW
SVSIPHERRILTILQWLSLPDNERPSVYAFYSEQPDFSGHKYGPFGPEMTNPLREIDKTVGQLMDGLKQLKLHRCVNVIF
VGDHGMEDVTCDRTEFLSNYLTNVDDITLVPGTLGRIRPKIPNNLKYDPKAIIANLTCKKPDQHFKPYMKQHLPKRLHYA
NNRRIEDLHLLVERRWHVARKPLDVYKKPSGKCFFQGDHGFDNKVNSMQTVFVGYGPTFKYRTKVPPFENIELYNVMCDL
LGLKPAPNNGTHGSLNHLLRTNTFRPTLPEEVSRPNYPGIMYLQSDFDLGCTCDDKNKLEELNKRLHTKGSTEERHLLYG
RPAVLYRTSYDILYHTDFESGYSEIFLMPLWTSYTISKQAEVSSIPEHLTNCVRPDVRVSPGFSQNCLAYKNDKQMSYGF
LFPPYLSSSPEAKYDAFLVTNMVPMYPAFKRVWTYFQRVLVKKYASERNGVNVISGPIFDYNYNGLRDIEDEIKQYVEGS
SIPVPTHYYSIITSCLDFTQPADKCDGPLSVSSFILPHRPDNDESCNSSEDESKWVEELMKMHTARVRDIEHLTGLDFYR
KTSRSYSEILTLKTYLHTYESEISRENLYFQGHHHHHH
;
_entity_poly.pdbx_strand_id   A
#
# COMPACT_ATOMS: atom_id res chain seq x y z
N TRP A 16 23.88 35.15 6.22
CA TRP A 16 25.27 35.24 5.68
C TRP A 16 26.19 34.09 6.12
N THR A 17 26.80 33.42 5.14
CA THR A 17 27.97 32.57 5.43
C THR A 17 29.24 33.07 4.79
N ASN A 18 30.33 32.96 5.54
CA ASN A 18 31.68 33.18 5.04
C ASN A 18 32.11 31.99 4.17
N THR A 19 32.04 32.20 2.86
CA THR A 19 32.44 31.29 1.80
C THR A 19 33.97 31.14 1.67
N SER A 20 34.70 32.12 2.16
CA SER A 20 36.18 32.15 2.04
C SER A 20 36.88 30.98 2.77
N GLY A 21 36.21 30.34 3.72
CA GLY A 21 36.76 29.15 4.36
C GLY A 21 37.03 28.00 3.39
N SER A 22 37.60 26.92 3.94
CA SER A 22 37.99 25.76 3.14
C SER A 22 37.32 24.47 3.54
N CYS A 23 37.23 23.59 2.55
CA CYS A 23 36.78 22.22 2.76
C CYS A 23 37.89 21.19 2.90
N LYS A 24 39.15 21.60 2.65
CA LYS A 24 40.33 20.75 2.86
C LYS A 24 40.15 19.81 4.07
N GLY A 25 40.12 18.51 3.86
CA GLY A 25 40.03 17.57 5.00
C GLY A 25 38.70 17.66 5.73
N ARG A 26 37.64 17.99 4.98
CA ARG A 26 36.28 18.15 5.48
C ARG A 26 35.19 17.65 4.52
N CYS A 27 35.53 17.20 3.32
CA CYS A 27 34.50 16.94 2.32
C CYS A 27 33.46 15.99 2.88
N PHE A 28 32.20 16.24 2.51
CA PHE A 28 31.02 15.47 2.97
C PHE A 28 31.01 15.07 4.42
N GLU A 29 31.64 15.88 5.26
CA GLU A 29 31.46 15.84 6.70
C GLU A 29 29.99 15.72 7.04
N LEU A 30 29.65 15.18 8.23
CA LEU A 30 28.23 15.00 8.70
C LEU A 30 27.69 16.05 9.66
N GLN A 31 28.53 16.55 10.56
CA GLN A 31 28.06 17.49 11.59
C GLN A 31 27.13 18.55 10.98
N GLU A 32 26.14 18.97 11.77
CA GLU A 32 25.41 20.23 11.52
C GLU A 32 26.40 21.42 11.59
N VAL A 33 26.75 22.00 10.43
CA VAL A 33 27.48 23.28 10.40
C VAL A 33 26.49 24.43 10.16
N GLY A 34 26.66 25.49 10.96
CA GLY A 34 25.70 26.59 11.04
C GLY A 34 26.23 27.96 10.61
N PRO A 35 25.35 28.78 9.99
CA PRO A 35 25.89 30.02 9.47
C PRO A 35 26.42 30.92 10.51
N PRO A 36 27.76 30.98 10.61
CA PRO A 36 28.59 31.93 9.83
C PRO A 36 29.60 31.05 9.05
N ASP A 37 29.68 29.77 9.44
CA ASP A 37 30.70 28.86 8.93
C ASP A 37 30.19 28.34 7.58
N CYS A 38 31.08 28.15 6.61
CA CYS A 38 30.68 27.64 5.31
C CYS A 38 30.55 26.11 5.44
N ARG A 39 29.81 25.52 4.54
CA ARG A 39 29.44 24.10 4.65
C ARG A 39 30.20 23.26 3.61
N CYS A 40 30.42 21.96 3.93
CA CYS A 40 30.97 21.01 2.96
C CYS A 40 30.21 19.67 2.91
N ASP A 41 28.90 19.67 3.23
CA ASP A 41 28.06 18.49 3.26
C ASP A 41 27.28 18.25 1.96
N ASN A 42 26.57 17.12 1.94
CA ASN A 42 25.61 16.63 0.92
C ASN A 42 24.71 17.62 0.33
N LEU A 43 24.26 18.61 1.11
CA LEU A 43 23.25 19.48 0.62
C LEU A 43 23.73 20.92 0.52
N CYS A 44 24.98 21.21 0.83
CA CYS A 44 25.41 22.62 0.80
C CYS A 44 25.16 23.23 -0.59
N LYS A 45 25.29 22.44 -1.65
CA LYS A 45 25.12 22.96 -3.02
C LYS A 45 23.72 23.52 -3.21
N SER A 46 22.73 22.68 -2.91
CA SER A 46 21.31 23.09 -2.89
C SER A 46 21.12 24.45 -2.26
N TYR A 47 21.83 24.74 -1.19
CA TYR A 47 21.73 26.04 -0.56
C TYR A 47 22.81 27.04 -1.02
N SER A 48 23.58 26.73 -2.05
CA SER A 48 24.73 27.64 -2.40
C SER A 48 25.49 28.18 -1.19
N SER A 49 25.71 27.32 -0.20
CA SER A 49 26.36 27.75 1.02
C SER A 49 27.65 27.00 1.23
N CYS A 50 28.16 26.38 0.19
CA CYS A 50 29.42 25.65 0.30
C CYS A 50 30.63 26.57 0.45
N CYS A 51 31.67 26.10 1.12
CA CYS A 51 32.96 26.76 1.06
C CYS A 51 33.45 26.90 -0.38
N HIS A 52 34.27 27.90 -0.61
CA HIS A 52 34.56 28.29 -2.00
C HIS A 52 35.19 27.14 -2.77
N ASP A 53 36.00 26.31 -2.09
CA ASP A 53 36.71 25.23 -2.78
C ASP A 53 35.96 23.88 -2.88
N PHE A 54 34.75 23.78 -2.33
CA PHE A 54 33.95 22.55 -2.37
C PHE A 54 33.91 21.87 -3.76
N ASP A 55 33.43 22.61 -4.75
CA ASP A 55 33.26 22.12 -6.12
C ASP A 55 34.57 21.56 -6.69
N GLU A 56 35.63 22.37 -6.70
CA GLU A 56 36.95 21.93 -7.18
C GLU A 56 37.62 20.87 -6.30
N LEU A 57 37.20 20.71 -5.05
CA LEU A 57 37.92 19.84 -4.12
C LEU A 57 37.17 18.56 -3.80
N CYS A 58 35.85 18.66 -3.61
CA CYS A 58 35.02 17.54 -3.11
C CYS A 58 34.36 16.75 -4.23
N LEU A 59 34.07 17.44 -5.33
CA LEU A 59 33.75 16.81 -6.60
C LEU A 59 35.02 16.50 -7.42
N LYS A 60 36.08 15.97 -6.81
CA LYS A 60 37.27 15.57 -7.62
C LYS A 60 36.82 14.41 -8.50
N THR A 61 37.04 14.58 -9.81
CA THR A 61 36.57 13.68 -10.85
C THR A 61 37.73 13.01 -11.61
N ALA A 62 38.96 13.45 -11.33
CA ALA A 62 40.13 13.12 -12.15
C ALA A 62 40.56 11.65 -12.04
N ARG A 63 40.59 10.99 -13.20
CA ARG A 63 41.07 9.60 -13.43
C ARG A 63 39.94 8.60 -13.18
N GLY A 64 38.76 9.12 -12.84
CA GLY A 64 37.60 8.31 -12.68
C GLY A 64 37.62 7.51 -11.40
N TRP A 65 36.90 6.40 -11.38
CA TRP A 65 36.56 5.82 -10.11
C TRP A 65 37.08 4.42 -9.85
N GLU A 66 38.10 3.99 -10.60
CA GLU A 66 38.63 2.63 -10.57
C GLU A 66 40.12 2.63 -10.70
N CYS A 67 40.79 1.81 -9.91
CA CYS A 67 42.21 1.58 -10.06
C CYS A 67 42.49 0.80 -11.35
N THR A 68 43.73 0.91 -11.84
CA THR A 68 44.28 0.14 -12.97
C THR A 68 45.64 -0.36 -12.49
N LYS A 69 46.14 -1.42 -13.13
CA LYS A 69 47.42 -2.08 -12.79
C LYS A 69 48.60 -1.11 -12.63
N ASP A 70 48.64 -0.13 -13.51
CA ASP A 70 49.72 0.86 -13.52
C ASP A 70 49.62 1.88 -12.39
N ARG A 71 48.42 2.08 -11.83
CA ARG A 71 48.32 3.01 -10.71
C ARG A 71 48.76 2.38 -9.39
N CYS A 72 49.01 1.07 -9.37
CA CYS A 72 49.39 0.40 -8.11
C CYS A 72 50.75 0.85 -7.69
N GLY A 73 50.93 0.96 -6.38
CA GLY A 73 52.15 1.55 -5.82
C GLY A 73 51.94 3.05 -5.64
N GLU A 74 51.51 3.69 -6.72
CA GLU A 74 50.92 5.04 -6.72
C GLU A 74 51.55 6.07 -5.82
N VAL A 75 52.18 7.08 -6.45
CA VAL A 75 52.59 8.34 -5.80
C VAL A 75 51.34 9.15 -5.38
N ARG A 76 51.14 9.29 -4.07
CA ARG A 76 49.85 9.63 -3.47
C ARG A 76 49.32 11.00 -3.83
N ASN A 77 48.89 11.17 -5.08
CA ASN A 77 48.43 12.46 -5.61
C ASN A 77 47.04 12.88 -5.11
N GLU A 78 46.87 14.16 -4.75
CA GLU A 78 45.56 14.67 -4.23
C GLU A 78 44.54 15.26 -5.21
N GLU A 79 44.89 15.47 -6.49
CA GLU A 79 43.88 15.72 -7.53
C GLU A 79 42.98 14.50 -7.85
N ASN A 80 43.33 13.32 -7.34
CA ASN A 80 42.71 12.08 -7.84
C ASN A 80 41.34 11.83 -7.20
N ALA A 81 40.37 11.49 -8.05
CA ALA A 81 39.01 11.16 -7.56
C ALA A 81 39.05 10.13 -6.41
N CYS A 82 39.88 9.09 -6.54
CA CYS A 82 40.16 8.14 -5.44
C CYS A 82 41.56 7.57 -5.54
N HIS A 83 42.03 6.88 -4.52
CA HIS A 83 43.46 6.56 -4.41
C HIS A 83 43.82 5.09 -4.58
N CYS A 84 44.99 4.87 -5.17
CA CYS A 84 45.61 3.56 -5.35
C CYS A 84 47.06 3.64 -4.84
N SER A 85 47.26 4.42 -3.77
CA SER A 85 48.54 4.55 -3.07
C SER A 85 48.71 3.39 -2.13
N GLU A 86 49.98 3.05 -1.87
CA GLU A 86 50.33 2.00 -0.92
C GLU A 86 49.63 2.18 0.45
N ASP A 87 49.35 3.42 0.84
CA ASP A 87 48.80 3.73 2.16
C ASP A 87 47.29 3.77 2.24
N CYS A 88 46.59 3.78 1.09
CA CYS A 88 45.16 4.20 1.04
C CYS A 88 44.23 3.44 1.98
N LEU A 89 44.49 2.15 2.20
CA LEU A 89 43.71 1.37 3.16
C LEU A 89 43.88 1.97 4.56
N SER A 90 45.00 2.68 4.78
CA SER A 90 45.20 3.59 5.93
C SER A 90 44.41 4.91 5.73
N ARG A 91 44.87 5.77 4.80
CA ARG A 91 44.22 7.08 4.53
C ARG A 91 42.74 7.04 4.05
N GLY A 92 42.03 5.94 4.33
CA GLY A 92 40.63 5.70 3.93
C GLY A 92 40.13 5.97 2.51
N ASP A 93 41.01 6.27 1.58
CA ASP A 93 40.63 6.92 0.33
C ASP A 93 40.71 6.00 -0.95
N CYS A 94 40.76 4.68 -0.77
CA CYS A 94 41.04 3.74 -1.89
C CYS A 94 39.94 3.78 -2.92
N CYS A 95 40.24 3.57 -4.20
CA CYS A 95 39.17 3.28 -5.14
C CYS A 95 38.57 1.94 -4.71
N THR A 96 37.26 1.76 -4.96
CA THR A 96 36.59 0.54 -4.44
C THR A 96 37.22 -0.79 -4.91
N ASN A 97 37.89 -0.76 -6.06
CA ASN A 97 38.50 -1.96 -6.63
C ASN A 97 39.98 -2.07 -6.36
N TYR A 98 40.49 -1.25 -5.44
CA TYR A 98 41.93 -1.20 -5.18
C TYR A 98 42.48 -2.56 -4.85
N GLN A 99 41.81 -3.30 -3.97
CA GLN A 99 42.36 -4.58 -3.52
C GLN A 99 42.39 -5.68 -4.60
N VAL A 100 41.40 -5.62 -5.49
CA VAL A 100 41.24 -6.57 -6.56
C VAL A 100 42.41 -6.34 -7.49
N VAL A 101 42.46 -5.14 -8.06
CA VAL A 101 43.50 -4.80 -9.02
C VAL A 101 44.92 -4.80 -8.46
N CYS A 102 45.10 -4.30 -7.25
CA CYS A 102 46.44 -4.12 -6.70
C CYS A 102 46.90 -5.16 -5.68
N LYS A 103 46.03 -5.95 -5.08
CA LYS A 103 46.51 -6.93 -4.11
C LYS A 103 46.01 -8.36 -4.40
N GLY A 104 45.51 -8.59 -5.61
CA GLY A 104 45.07 -9.91 -6.05
C GLY A 104 43.82 -10.48 -5.40
N GLU A 105 43.03 -9.67 -4.70
CA GLU A 105 41.77 -10.20 -4.08
C GLU A 105 40.67 -10.33 -5.12
N SER A 106 39.59 -11.01 -4.79
CA SER A 106 38.54 -11.14 -5.76
C SER A 106 37.42 -10.12 -5.57
N HIS A 107 36.76 -9.71 -6.64
CA HIS A 107 35.50 -9.01 -6.51
C HIS A 107 34.49 -9.79 -5.65
N TRP A 108 33.65 -9.04 -4.94
CA TRP A 108 32.70 -9.68 -4.02
C TRP A 108 31.78 -10.66 -4.82
N VAL A 109 31.33 -10.22 -5.99
CA VAL A 109 30.39 -10.97 -6.76
C VAL A 109 30.98 -12.30 -7.21
N ASP A 110 32.30 -12.44 -7.26
CA ASP A 110 32.87 -13.70 -7.66
C ASP A 110 33.07 -14.66 -6.49
N ASP A 111 32.69 -14.29 -5.27
CA ASP A 111 32.88 -15.16 -4.13
C ASP A 111 31.61 -15.90 -4.02
N ASP A 112 31.65 -17.11 -3.52
CA ASP A 112 30.44 -17.90 -3.37
C ASP A 112 29.61 -17.37 -2.22
N CYS A 113 28.32 -17.37 -2.39
CA CYS A 113 27.37 -17.10 -1.30
CA CYS A 113 27.36 -17.07 -1.31
C CYS A 113 27.64 -17.95 -0.09
N GLU A 114 27.73 -17.34 1.11
CA GLU A 114 27.92 -18.07 2.38
C GLU A 114 26.93 -17.52 3.36
N GLU A 115 26.15 -18.39 3.98
CA GLU A 115 25.17 -17.93 4.95
C GLU A 115 25.84 -17.08 6.02
N ILE A 116 25.18 -16.00 6.40
CA ILE A 116 25.65 -15.16 7.50
C ILE A 116 24.73 -15.36 8.70
N ARG A 117 25.15 -16.21 9.62
CA ARG A 117 24.29 -16.65 10.69
C ARG A 117 24.28 -15.64 11.85
N VAL A 118 25.38 -14.95 12.07
CA VAL A 118 25.40 -13.85 13.05
C VAL A 118 26.30 -12.80 12.49
N PRO A 119 26.12 -11.55 12.89
CA PRO A 119 27.01 -10.49 12.32
C PRO A 119 28.50 -10.75 12.61
N GLU A 120 29.37 -10.52 11.63
CA GLU A 120 30.83 -10.61 11.85
C GLU A 120 31.43 -9.21 11.72
N CYS A 121 31.51 -8.53 12.84
CA CYS A 121 31.71 -7.09 12.81
C CYS A 121 33.02 -6.74 13.47
N PRO A 122 33.67 -5.65 13.01
CA PRO A 122 34.90 -5.31 13.67
C PRO A 122 34.62 -4.88 15.09
N ALA A 123 35.68 -4.80 15.87
CA ALA A 123 35.61 -4.32 17.23
C ALA A 123 35.16 -2.87 17.12
N GLY A 124 34.24 -2.51 18.01
CA GLY A 124 33.68 -1.18 18.03
C GLY A 124 32.30 -1.07 17.44
N PHE A 125 31.86 -2.07 16.65
CA PHE A 125 30.57 -2.06 16.08
C PHE A 125 29.68 -2.71 17.09
N VAL A 126 28.60 -2.04 17.42
CA VAL A 126 27.70 -2.55 18.44
C VAL A 126 26.47 -3.19 17.85
N ARG A 127 26.06 -2.78 16.67
CA ARG A 127 24.93 -3.32 16.00
C ARG A 127 25.36 -3.39 14.53
N PRO A 128 24.79 -4.32 13.78
CA PRO A 128 25.09 -4.29 12.35
C PRO A 128 24.50 -3.02 11.72
N PRO A 129 25.33 -2.24 10.98
CA PRO A 129 24.72 -1.14 10.20
C PRO A 129 23.70 -1.58 9.16
N LEU A 130 22.78 -0.66 8.88
CA LEU A 130 21.88 -0.75 7.78
C LEU A 130 22.21 0.21 6.62
N ILE A 131 22.39 -0.35 5.42
CA ILE A 131 22.57 0.44 4.20
C ILE A 131 21.41 0.21 3.22
N ILE A 132 20.66 1.27 2.95
CA ILE A 132 19.60 1.18 1.96
C ILE A 132 20.08 1.67 0.58
N PHE A 133 19.98 0.81 -0.42
CA PHE A 133 20.32 1.14 -1.77
C PHE A 133 18.98 1.32 -2.52
N SER A 134 18.56 2.57 -2.71
CA SER A 134 17.30 2.81 -3.32
C SER A 134 17.55 3.21 -4.80
N VAL A 135 16.71 2.69 -5.69
CA VAL A 135 16.79 2.90 -7.15
C VAL A 135 15.43 3.41 -7.61
N ASP A 136 15.41 4.28 -8.59
CA ASP A 136 14.20 4.96 -8.96
C ASP A 136 13.72 4.31 -10.25
N GLY A 137 12.42 3.94 -10.32
CA GLY A 137 11.80 3.36 -11.56
C GLY A 137 12.24 1.96 -11.89
N PHE A 138 12.69 1.23 -10.87
CA PHE A 138 13.16 -0.15 -11.05
C PHE A 138 11.98 -1.09 -10.94
N ARG A 139 11.51 -1.48 -12.10
CA ARG A 139 10.36 -2.28 -12.21
C ARG A 139 10.72 -3.70 -11.82
N ALA A 140 9.78 -4.39 -11.23
CA ALA A 140 10.03 -5.77 -10.71
C ALA A 140 10.52 -6.70 -11.75
N SER A 141 9.93 -6.65 -12.93
CA SER A 141 10.31 -7.65 -13.89
C SER A 141 11.71 -7.41 -14.48
N TYR A 142 12.36 -6.26 -14.22
CA TYR A 142 13.80 -6.12 -14.62
C TYR A 142 14.69 -7.16 -13.93
N MET A 143 14.30 -7.64 -12.76
CA MET A 143 15.05 -8.74 -12.14
C MET A 143 15.16 -9.96 -13.04
N LYS A 144 14.20 -10.18 -13.95
CA LYS A 144 14.27 -11.27 -14.92
C LYS A 144 15.48 -11.17 -15.84
N LYS A 145 16.01 -9.97 -16.12
CA LYS A 145 17.26 -9.74 -16.94
C LYS A 145 18.56 -10.12 -16.18
N GLY A 146 18.59 -11.32 -15.60
CA GLY A 146 19.33 -11.56 -14.40
C GLY A 146 20.84 -11.40 -14.40
N SER A 147 21.51 -12.46 -13.93
CA SER A 147 22.94 -12.47 -13.70
C SER A 147 23.65 -12.01 -14.95
N LYS A 148 23.03 -12.27 -16.10
CA LYS A 148 23.58 -11.88 -17.40
C LYS A 148 23.90 -10.37 -17.44
N VAL A 149 23.05 -9.54 -16.86
CA VAL A 149 23.25 -8.13 -16.96
C VAL A 149 23.57 -7.51 -15.56
N MET A 150 23.05 -8.10 -14.49
CA MET A 150 23.20 -7.57 -13.14
C MET A 150 23.68 -8.63 -12.12
N PRO A 151 24.93 -9.04 -12.22
CA PRO A 151 25.38 -10.11 -11.36
C PRO A 151 25.49 -9.81 -9.89
N ASN A 152 25.91 -8.60 -9.53
CA ASN A 152 25.93 -8.25 -8.08
C ASN A 152 24.55 -8.30 -7.47
N ILE A 153 23.58 -7.70 -8.14
CA ILE A 153 22.24 -7.66 -7.66
C ILE A 153 21.60 -9.09 -7.61
N GLU A 154 21.90 -9.89 -8.62
CA GLU A 154 21.46 -11.28 -8.64
C GLU A 154 22.06 -12.09 -7.48
N LYS A 155 23.31 -11.83 -7.11
CA LYS A 155 23.84 -12.48 -5.95
C LYS A 155 23.11 -12.04 -4.67
N LEU A 156 22.90 -10.72 -4.51
CA LEU A 156 22.16 -10.27 -3.39
C LEU A 156 20.76 -10.97 -3.33
N ARG A 157 20.05 -10.93 -4.44
CA ARG A 157 18.73 -11.46 -4.54
C ARG A 157 18.66 -12.98 -4.26
N SER A 158 19.49 -13.78 -4.86
CA SER A 158 19.37 -15.20 -4.61
C SER A 158 20.01 -15.66 -3.28
N CYS A 159 21.05 -14.97 -2.78
CA CYS A 159 21.67 -15.39 -1.53
CA CYS A 159 21.71 -15.32 -1.53
C CYS A 159 20.90 -14.88 -0.32
N GLY A 160 20.22 -13.76 -0.48
CA GLY A 160 19.49 -13.15 0.58
C GLY A 160 18.00 -13.49 0.57
N THR A 161 17.21 -12.51 0.97
CA THR A 161 15.79 -12.60 1.11
C THR A 161 15.20 -11.71 0.05
N HIS A 162 14.31 -12.23 -0.76
CA HIS A 162 13.64 -11.41 -1.78
C HIS A 162 12.12 -11.70 -1.87
N ALA A 163 11.41 -10.69 -2.31
CA ALA A 163 10.04 -10.83 -2.77
C ALA A 163 10.01 -10.83 -4.29
N PRO A 164 9.02 -11.50 -4.90
CA PRO A 164 8.88 -11.37 -6.37
C PRO A 164 8.63 -9.92 -6.83
N TYR A 165 8.00 -9.17 -5.98
CA TYR A 165 7.80 -7.73 -6.19
C TYR A 165 7.35 -7.08 -4.91
N MET A 166 7.43 -5.77 -4.87
CA MET A 166 6.93 -4.94 -3.78
C MET A 166 5.96 -3.92 -4.38
N ARG A 167 4.78 -3.77 -3.76
CA ARG A 167 3.79 -2.83 -4.15
C ARG A 167 4.07 -1.43 -3.66
N PRO A 168 4.08 -0.44 -4.61
CA PRO A 168 4.24 0.93 -4.24
C PRO A 168 2.91 1.51 -3.71
N VAL A 169 2.92 2.73 -3.23
CA VAL A 169 1.68 3.43 -2.91
C VAL A 169 1.27 4.23 -4.10
N TYR A 170 -0.03 4.53 -4.13
CA TYR A 170 -0.66 5.47 -5.13
C TYR A 170 -0.40 6.92 -4.68
N PRO A 171 -0.30 7.85 -5.64
CA PRO A 171 0.38 7.75 -6.91
C PRO A 171 1.72 7.14 -7.00
N THR A 172 1.93 6.34 -8.05
CA THR A 172 3.14 5.60 -8.19
C THR A 172 4.19 6.49 -8.83
N LYS A 173 4.52 7.52 -8.09
CA LYS A 173 5.53 8.52 -8.47
C LYS A 173 6.56 8.52 -7.33
N THR A 174 7.64 9.22 -7.58
CA THR A 174 8.81 9.08 -6.73
C THR A 174 8.65 9.79 -5.36
N PHE A 175 8.10 10.99 -5.29
CA PHE A 175 8.11 11.69 -4.02
C PHE A 175 7.20 11.00 -2.99
N PRO A 176 5.98 10.68 -3.39
CA PRO A 176 5.07 9.94 -2.52
C PRO A 176 5.67 8.62 -2.05
N ASN A 177 6.41 7.92 -2.90
CA ASN A 177 6.85 6.65 -2.58
C ASN A 177 8.11 6.62 -1.76
N LEU A 178 9.08 7.46 -2.05
CA LEU A 178 10.25 7.53 -1.16
C LEU A 178 9.88 7.99 0.26
N TYR A 179 8.94 8.92 0.39
CA TYR A 179 8.56 9.41 1.66
C TYR A 179 7.74 8.34 2.41
N THR A 180 6.91 7.60 1.70
CA THR A 180 6.25 6.41 2.27
C THR A 180 7.28 5.38 2.76
N LEU A 181 8.28 5.08 1.93
CA LEU A 181 9.34 4.15 2.38
C LEU A 181 9.92 4.62 3.71
N ALA A 182 10.17 5.93 3.82
CA ALA A 182 10.81 6.47 4.96
C ALA A 182 9.96 6.56 6.23
N THR A 183 8.62 6.57 6.11
CA THR A 183 7.75 6.90 7.21
C THR A 183 6.76 5.78 7.58
N GLY A 184 6.54 4.80 6.72
CA GLY A 184 5.50 3.75 6.86
C GLY A 184 4.12 4.32 6.73
N LEU A 185 4.01 5.52 6.15
CA LEU A 185 2.72 6.18 6.08
C LEU A 185 2.15 6.26 4.68
N TYR A 186 0.83 6.22 4.60
CA TYR A 186 0.18 6.60 3.31
C TYR A 186 0.42 8.07 2.97
N PRO A 187 0.48 8.41 1.67
CA PRO A 187 0.63 9.81 1.27
C PRO A 187 -0.39 10.75 1.84
N GLU A 188 -1.62 10.29 1.97
CA GLU A 188 -2.62 11.15 2.61
C GLU A 188 -2.26 11.55 4.07
N SER A 189 -1.50 10.69 4.74
CA SER A 189 -1.05 10.93 6.07
C SER A 189 0.31 11.68 6.14
N HIS A 190 1.30 11.31 5.35
CA HIS A 190 2.53 12.06 5.42
C HIS A 190 2.52 13.41 4.71
N GLY A 191 1.57 13.62 3.78
CA GLY A 191 1.37 14.89 3.16
C GLY A 191 1.99 15.07 1.80
N ILE A 192 2.86 14.17 1.39
CA ILE A 192 3.48 14.26 0.06
C ILE A 192 2.63 13.46 -0.91
N VAL A 193 1.51 14.05 -1.25
CA VAL A 193 0.47 13.36 -1.98
C VAL A 193 0.71 13.34 -3.50
N GLY A 194 1.69 14.11 -3.98
CA GLY A 194 2.14 13.99 -5.41
C GLY A 194 3.56 14.58 -5.56
N ASN A 195 4.14 14.45 -6.75
CA ASN A 195 5.38 15.19 -7.05
C ASN A 195 5.07 16.66 -7.17
N SER A 196 3.83 16.98 -7.56
CA SER A 196 3.27 18.33 -7.47
C SER A 196 2.10 18.39 -6.61
N MET A 197 1.97 19.48 -5.86
CA MET A 197 0.78 19.78 -5.07
C MET A 197 0.51 21.23 -4.76
N TYR A 198 -0.74 21.52 -4.60
CA TYR A 198 -1.17 22.74 -4.16
C TYR A 198 -1.78 22.63 -2.76
N ASP A 199 -1.34 23.48 -1.80
CA ASP A 199 -1.92 23.47 -0.45
C ASP A 199 -2.69 24.71 -0.29
N PRO A 200 -4.02 24.63 -0.17
CA PRO A 200 -4.88 25.85 -0.13
C PRO A 200 -4.71 26.69 1.13
N VAL A 201 -4.20 26.05 2.20
CA VAL A 201 -3.87 26.84 3.43
C VAL A 201 -2.54 27.60 3.25
N PHE A 202 -1.52 27.02 2.60
CA PHE A 202 -0.25 27.70 2.35
C PHE A 202 -0.38 28.73 1.19
N ASP A 203 -1.42 28.52 0.40
CA ASP A 203 -1.61 29.13 -0.91
C ASP A 203 -0.31 29.00 -1.67
N ALA A 204 0.20 27.77 -1.81
CA ALA A 204 1.50 27.58 -2.41
C ALA A 204 1.56 26.26 -3.07
N THR A 205 2.48 26.13 -4.00
CA THR A 205 2.62 24.90 -4.80
C THR A 205 4.01 24.29 -4.63
N PHE A 206 4.04 23.00 -4.43
CA PHE A 206 5.23 22.22 -4.22
C PHE A 206 5.49 21.57 -5.56
N HIS A 207 6.74 21.57 -5.96
CA HIS A 207 7.24 20.96 -7.19
C HIS A 207 8.54 20.24 -6.90
N LEU A 208 8.85 19.21 -7.67
CA LEU A 208 10.15 18.55 -7.60
C LEU A 208 11.30 19.47 -7.84
N ARG A 209 11.09 20.43 -8.73
CA ARG A 209 12.15 21.36 -9.03
C ARG A 209 11.92 22.58 -8.22
N GLY A 210 13.01 23.18 -7.78
CA GLY A 210 12.95 24.45 -7.09
C GLY A 210 13.07 24.31 -5.59
N ARG A 211 12.81 25.44 -4.93
CA ARG A 211 13.12 25.65 -3.54
C ARG A 211 12.00 25.36 -2.56
N GLU A 212 10.75 25.35 -3.03
CA GLU A 212 9.60 25.23 -2.13
C GLU A 212 9.67 23.91 -1.37
N LYS A 213 10.12 22.85 -2.06
CA LYS A 213 10.20 21.52 -1.46
C LYS A 213 11.10 21.44 -0.25
N PHE A 214 12.02 22.39 -0.10
CA PHE A 214 12.95 22.37 0.98
C PHE A 214 12.27 22.85 2.25
N ASN A 215 11.09 23.50 2.17
CA ASN A 215 10.42 23.96 3.34
C ASN A 215 9.82 22.79 4.14
N HIS A 216 10.10 22.70 5.43
CA HIS A 216 9.67 21.55 6.21
C HIS A 216 8.19 21.48 6.39
N ARG A 217 7.50 22.58 6.19
CA ARG A 217 6.05 22.55 6.38
C ARG A 217 5.29 21.52 5.58
N TRP A 218 5.85 21.04 4.46
CA TRP A 218 5.13 20.07 3.65
C TRP A 218 5.19 18.63 4.17
N TRP A 219 6.20 18.33 5.03
CA TRP A 219 6.63 16.98 5.28
C TRP A 219 6.12 16.50 6.64
N GLY A 220 5.09 15.69 6.63
CA GLY A 220 4.52 15.18 7.91
C GLY A 220 5.08 13.83 8.36
N GLY A 221 4.54 13.26 9.44
CA GLY A 221 5.03 11.96 9.85
C GLY A 221 6.42 12.05 10.49
N GLN A 222 7.05 10.91 10.70
CA GLN A 222 8.40 10.86 11.22
C GLN A 222 9.23 9.88 10.43
N PRO A 223 10.12 10.40 9.58
CA PRO A 223 10.88 9.53 8.74
C PRO A 223 11.98 8.86 9.58
N LEU A 224 12.57 7.82 9.02
CA LEU A 224 13.47 6.95 9.66
C LEU A 224 14.66 7.68 10.26
N TRP A 225 15.22 8.67 9.53
CA TRP A 225 16.37 9.36 10.01
C TRP A 225 16.03 10.19 11.23
N ILE A 226 14.81 10.64 11.34
CA ILE A 226 14.44 11.36 12.54
C ILE A 226 14.14 10.36 13.70
N THR A 227 13.50 9.26 13.39
CA THR A 227 13.12 8.25 14.41
C THR A 227 14.44 7.78 15.08
N ALA A 228 15.42 7.48 14.22
CA ALA A 228 16.76 7.20 14.62
C ALA A 228 17.40 8.21 15.52
N THR A 229 17.49 9.46 15.06
CA THR A 229 18.08 10.51 15.82
C THR A 229 17.39 10.75 17.19
N LYS A 230 16.07 10.69 17.24
CA LYS A 230 15.39 10.91 18.47
C LYS A 230 15.69 9.79 19.49
N GLN A 231 16.01 8.58 19.01
CA GLN A 231 16.35 7.44 19.86
C GLN A 231 17.85 7.23 20.02
N GLY A 232 18.61 8.27 19.68
CA GLY A 232 20.03 8.25 19.89
C GLY A 232 20.80 7.35 18.96
N VAL A 233 20.32 7.14 17.77
CA VAL A 233 21.04 6.27 16.77
C VAL A 233 21.41 7.20 15.58
N ARG A 234 22.67 7.23 15.24
CA ARG A 234 23.15 8.20 14.31
C ARG A 234 22.77 7.80 12.90
N ALA A 235 22.21 8.72 12.14
CA ALA A 235 21.85 8.46 10.71
C ALA A 235 22.72 9.24 9.70
N GLY A 236 23.21 8.60 8.64
CA GLY A 236 23.78 9.40 7.54
C GLY A 236 22.66 10.16 6.82
N THR A 237 23.04 11.11 5.98
CA THR A 237 22.04 11.87 5.26
C THR A 237 21.41 11.04 4.19
N PHE A 238 20.07 11.05 4.15
CA PHE A 238 19.32 10.34 3.12
C PHE A 238 19.20 11.17 1.83
N PHE A 239 19.42 12.47 1.90
CA PHE A 239 19.33 13.38 0.72
C PHE A 239 20.73 13.72 0.17
N TRP A 240 20.80 13.83 -1.17
CA TRP A 240 22.03 13.96 -1.90
C TRP A 240 21.77 15.07 -3.00
N SER A 241 22.55 16.15 -3.01
CA SER A 241 22.44 17.13 -4.10
C SER A 241 22.57 16.38 -5.43
N VAL A 242 21.82 16.83 -6.42
CA VAL A 242 21.95 16.27 -7.76
C VAL A 242 23.34 16.35 -8.36
N SER A 243 24.17 17.25 -7.93
CA SER A 243 25.45 17.30 -8.60
C SER A 243 26.46 16.33 -7.97
N ILE A 244 26.04 15.51 -7.00
CA ILE A 244 27.03 14.57 -6.47
C ILE A 244 26.95 13.26 -7.24
N PRO A 245 28.01 12.89 -7.93
CA PRO A 245 27.86 11.69 -8.76
C PRO A 245 27.69 10.42 -7.91
N HIS A 246 27.10 9.42 -8.52
CA HIS A 246 26.80 8.12 -7.89
C HIS A 246 27.95 7.51 -7.20
N GLU A 247 29.10 7.50 -7.85
CA GLU A 247 30.26 6.89 -7.29
C GLU A 247 30.80 7.56 -6.01
N ARG A 248 30.60 8.88 -5.97
CA ARG A 248 31.02 9.66 -4.88
C ARG A 248 30.08 9.38 -3.69
N ARG A 249 28.80 9.14 -3.94
CA ARG A 249 27.89 8.83 -2.92
C ARG A 249 28.35 7.52 -2.24
N ILE A 250 28.76 6.55 -3.05
CA ILE A 250 29.24 5.26 -2.51
C ILE A 250 30.50 5.41 -1.73
N LEU A 251 31.49 6.12 -2.27
CA LEU A 251 32.71 6.35 -1.55
C LEU A 251 32.49 7.11 -0.23
N THR A 252 31.49 7.98 -0.19
CA THR A 252 31.23 8.78 0.99
C THR A 252 30.59 7.88 2.08
N ILE A 253 29.69 7.01 1.67
CA ILE A 253 29.20 5.96 2.59
C ILE A 253 30.33 5.14 3.17
N LEU A 254 31.26 4.72 2.32
CA LEU A 254 32.36 3.93 2.80
C LEU A 254 33.23 4.70 3.75
N GLN A 255 33.50 5.95 3.46
CA GLN A 255 34.22 6.76 4.40
C GLN A 255 33.49 6.96 5.75
N TRP A 256 32.20 7.26 5.73
CA TRP A 256 31.46 7.39 6.97
C TRP A 256 31.55 6.10 7.85
N LEU A 257 31.50 4.95 7.21
CA LEU A 257 31.66 3.65 7.90
C LEU A 257 33.00 3.51 8.55
N SER A 258 34.02 4.29 8.14
CA SER A 258 35.31 4.26 8.75
C SER A 258 35.51 5.31 9.83
N LEU A 259 34.48 6.06 10.12
CA LEU A 259 34.64 7.12 11.10
C LEU A 259 34.90 6.52 12.50
N PRO A 260 35.36 7.34 13.40
CA PRO A 260 35.54 6.75 14.73
C PRO A 260 34.21 6.33 15.38
N ASP A 261 34.31 5.47 16.39
CA ASP A 261 33.15 4.93 17.09
C ASP A 261 32.20 5.96 17.57
N ASN A 262 32.64 7.08 18.09
CA ASN A 262 31.68 8.06 18.54
C ASN A 262 31.11 8.97 17.42
N GLU A 263 31.40 8.69 16.15
CA GLU A 263 30.88 9.55 15.05
C GLU A 263 30.17 8.75 13.96
N ARG A 264 30.47 7.46 13.84
CA ARG A 264 29.93 6.62 12.76
C ARG A 264 28.48 6.40 12.78
N PRO A 265 27.80 6.62 11.65
CA PRO A 265 26.40 6.33 11.66
C PRO A 265 26.08 4.85 11.65
N SER A 266 24.85 4.54 12.05
CA SER A 266 24.27 3.18 11.93
C SER A 266 23.38 2.96 10.72
N VAL A 267 22.86 4.01 10.14
CA VAL A 267 22.04 3.88 8.98
C VAL A 267 22.47 4.79 7.87
N TYR A 268 22.40 4.25 6.65
CA TYR A 268 22.97 4.94 5.48
C TYR A 268 22.00 4.70 4.35
N ALA A 269 21.93 5.69 3.45
CA ALA A 269 21.13 5.50 2.24
C ALA A 269 21.79 6.08 1.03
N PHE A 270 21.68 5.31 -0.02
CA PHE A 270 22.15 5.67 -1.36
C PHE A 270 20.89 5.75 -2.20
N TYR A 271 20.87 6.72 -3.12
CA TYR A 271 19.74 6.87 -4.00
C TYR A 271 20.32 7.03 -5.41
N SER A 272 19.73 6.32 -6.38
CA SER A 272 19.97 6.60 -7.78
C SER A 272 18.71 6.99 -8.52
N GLU A 273 18.84 7.94 -9.43
CA GLU A 273 17.77 8.43 -10.34
C GLU A 273 17.48 7.47 -11.46
N GLN A 274 18.39 6.53 -11.63
CA GLN A 274 18.22 5.48 -12.58
C GLN A 274 17.70 4.14 -12.02
N PRO A 275 16.79 3.52 -12.78
CA PRO A 275 16.77 3.46 -14.24
C PRO A 275 15.50 4.29 -14.68
N ASP A 276 14.90 5.07 -13.80
CA ASP A 276 13.70 5.89 -14.13
C ASP A 276 13.94 6.75 -15.35
N PHE A 277 15.10 7.36 -15.44
CA PHE A 277 15.24 8.34 -16.48
C PHE A 277 15.31 7.62 -17.81
N SER A 278 16.15 6.60 -17.92
CA SER A 278 16.18 5.78 -19.13
C SER A 278 14.79 5.16 -19.49
N GLY A 279 14.03 4.80 -18.49
CA GLY A 279 12.73 4.21 -18.66
C GLY A 279 11.79 5.22 -19.29
N HIS A 280 11.77 6.48 -18.79
CA HIS A 280 10.99 7.52 -19.46
C HIS A 280 11.34 7.69 -20.93
N LYS A 281 12.63 7.70 -21.23
CA LYS A 281 13.06 7.97 -22.55
C LYS A 281 12.79 6.82 -23.53
N TYR A 282 13.02 5.59 -23.09
CA TYR A 282 13.04 4.43 -23.98
C TYR A 282 11.93 3.45 -23.76
N GLY A 283 11.20 3.59 -22.68
CA GLY A 283 10.25 2.62 -22.27
C GLY A 283 10.91 1.49 -21.50
N PRO A 284 10.09 0.71 -20.85
CA PRO A 284 10.62 -0.29 -19.92
C PRO A 284 11.23 -1.47 -20.65
N PHE A 285 10.87 -1.70 -21.90
CA PHE A 285 11.39 -2.85 -22.64
C PHE A 285 12.32 -2.39 -23.73
N GLY A 286 12.66 -1.11 -23.81
CA GLY A 286 13.56 -0.65 -24.83
C GLY A 286 14.91 -1.37 -24.69
N PRO A 287 15.55 -1.74 -25.81
CA PRO A 287 16.86 -2.40 -25.75
C PRO A 287 17.95 -1.52 -25.06
N GLU A 288 17.79 -0.21 -25.17
CA GLU A 288 18.63 0.76 -24.48
C GLU A 288 18.59 0.67 -22.93
N MET A 289 17.66 -0.05 -22.35
CA MET A 289 17.59 -0.14 -20.90
C MET A 289 18.70 -0.96 -20.30
N THR A 290 19.35 -1.79 -21.12
CA THR A 290 20.42 -2.67 -20.65
C THR A 290 21.63 -1.95 -20.05
N ASN A 291 22.08 -0.89 -20.68
CA ASN A 291 23.29 -0.24 -20.23
C ASN A 291 23.09 0.40 -18.85
N PRO A 292 21.95 1.08 -18.64
CA PRO A 292 21.70 1.68 -17.35
C PRO A 292 21.54 0.64 -16.21
N LEU A 293 20.98 -0.51 -16.52
CA LEU A 293 20.93 -1.57 -15.55
C LEU A 293 22.31 -2.10 -15.24
N ARG A 294 23.14 -2.20 -16.25
CA ARG A 294 24.50 -2.63 -16.00
C ARG A 294 25.22 -1.62 -15.09
N GLU A 295 25.00 -0.33 -15.32
CA GLU A 295 25.66 0.72 -14.53
C GLU A 295 25.20 0.64 -13.05
N ILE A 296 23.95 0.38 -12.81
CA ILE A 296 23.42 0.29 -11.44
C ILE A 296 24.08 -0.93 -10.77
N ASP A 297 24.18 -2.04 -11.50
CA ASP A 297 24.85 -3.20 -11.00
C ASP A 297 26.28 -2.95 -10.68
N LYS A 298 26.97 -2.20 -11.55
CA LYS A 298 28.37 -1.82 -11.29
C LYS A 298 28.44 -1.09 -9.93
N THR A 299 27.51 -0.18 -9.70
CA THR A 299 27.52 0.63 -8.50
C THR A 299 27.26 -0.25 -7.27
N VAL A 300 26.33 -1.21 -7.36
CA VAL A 300 26.14 -2.13 -6.28
C VAL A 300 27.45 -2.86 -5.98
N GLY A 301 28.17 -3.27 -7.05
CA GLY A 301 29.40 -3.99 -6.86
C GLY A 301 30.49 -3.14 -6.24
N GLN A 302 30.48 -1.85 -6.52
CA GLN A 302 31.44 -0.93 -5.89
C GLN A 302 31.17 -0.88 -4.38
N LEU A 303 29.91 -0.84 -4.02
CA LEU A 303 29.58 -0.82 -2.61
C LEU A 303 30.06 -2.08 -1.95
N MET A 304 29.76 -3.22 -2.54
CA MET A 304 30.06 -4.51 -1.93
C MET A 304 31.51 -4.81 -1.88
N ASP A 305 32.24 -4.43 -2.93
CA ASP A 305 33.70 -4.47 -2.89
C ASP A 305 34.19 -3.54 -1.77
N GLY A 306 33.63 -2.35 -1.64
CA GLY A 306 34.16 -1.43 -0.64
C GLY A 306 33.87 -1.99 0.74
N LEU A 307 32.71 -2.60 0.94
CA LEU A 307 32.42 -3.26 2.22
C LEU A 307 33.38 -4.42 2.51
N LYS A 308 33.65 -5.22 1.48
CA LYS A 308 34.68 -6.23 1.59
C LYS A 308 36.02 -5.71 1.99
N GLN A 309 36.51 -4.63 1.35
CA GLN A 309 37.83 -4.04 1.76
C GLN A 309 37.81 -3.59 3.22
N LEU A 310 36.67 -3.19 3.70
CA LEU A 310 36.53 -2.79 5.07
C LEU A 310 36.22 -3.93 6.08
N LYS A 311 36.08 -5.16 5.60
CA LYS A 311 35.77 -6.28 6.46
C LYS A 311 34.40 -6.14 7.02
N LEU A 312 33.53 -5.54 6.25
CA LEU A 312 32.16 -5.32 6.62
C LEU A 312 31.10 -6.05 5.85
N HIS A 313 31.47 -6.85 4.88
CA HIS A 313 30.51 -7.50 4.00
C HIS A 313 29.70 -8.62 4.64
N ARG A 314 30.10 -9.06 5.85
CA ARG A 314 29.34 -10.02 6.65
C ARG A 314 28.86 -9.41 7.97
N CYS A 315 28.74 -8.08 7.97
CA CYS A 315 28.39 -7.32 9.12
C CYS A 315 27.21 -6.38 8.81
N VAL A 316 27.06 -5.92 7.60
CA VAL A 316 26.07 -4.95 7.27
C VAL A 316 24.82 -5.60 6.64
N ASN A 317 23.63 -5.09 6.99
CA ASN A 317 22.38 -5.44 6.38
C ASN A 317 22.10 -4.42 5.23
N VAL A 318 21.90 -4.98 4.07
CA VAL A 318 21.76 -4.22 2.84
C VAL A 318 20.38 -4.46 2.32
N ILE A 319 19.70 -3.37 2.06
CA ILE A 319 18.40 -3.39 1.40
C ILE A 319 18.50 -2.79 0.02
N PHE A 320 18.01 -3.48 -0.99
CA PHE A 320 17.97 -2.97 -2.33
C PHE A 320 16.47 -2.80 -2.62
N VAL A 321 16.04 -1.56 -2.86
CA VAL A 321 14.66 -1.30 -3.00
C VAL A 321 14.36 -0.20 -4.07
N GLY A 322 13.18 -0.27 -4.70
CA GLY A 322 12.82 0.68 -5.70
C GLY A 322 11.61 1.45 -5.21
N ASP A 323 11.33 2.54 -5.86
CA ASP A 323 10.15 3.33 -5.49
C ASP A 323 8.86 3.05 -6.33
N HIS A 324 9.02 2.65 -7.61
CA HIS A 324 7.94 2.32 -8.48
C HIS A 324 8.48 1.77 -9.74
N GLY A 325 7.57 1.30 -10.56
CA GLY A 325 7.83 0.59 -11.80
C GLY A 325 7.80 1.59 -12.95
N MET A 326 7.52 1.10 -14.15
CA MET A 326 7.49 1.85 -15.38
C MET A 326 6.62 1.15 -16.44
N GLU A 327 5.85 1.94 -17.17
CA GLU A 327 4.91 1.45 -18.17
C GLU A 327 5.21 2.11 -19.50
N ASP A 328 4.88 1.42 -20.59
CA ASP A 328 4.92 1.98 -21.94
C ASP A 328 3.83 3.04 -22.06
N VAL A 329 4.21 4.27 -22.33
CA VAL A 329 3.27 5.35 -22.44
C VAL A 329 3.90 6.27 -23.52
N THR A 330 3.14 6.65 -24.50
CA THR A 330 3.52 7.64 -25.55
C THR A 330 2.48 8.71 -25.77
N CYS A 331 2.83 9.76 -26.48
CA CYS A 331 1.92 10.86 -26.72
C CYS A 331 0.74 10.48 -27.61
N ASP A 332 0.88 9.49 -28.48
CA ASP A 332 -0.26 8.92 -29.27
C ASP A 332 -1.42 8.42 -28.39
N ARG A 333 -1.14 8.22 -27.14
CA ARG A 333 -2.12 7.72 -26.18
C ARG A 333 -2.44 8.77 -25.15
N THR A 334 -2.99 9.88 -25.61
CA THR A 334 -3.42 10.94 -24.71
C THR A 334 -4.88 11.28 -24.95
N GLU A 335 -5.62 11.36 -23.86
CA GLU A 335 -7.01 11.92 -23.86
C GLU A 335 -6.90 13.39 -23.50
N PHE A 336 -7.80 14.21 -24.01
CA PHE A 336 -7.84 15.64 -23.79
C PHE A 336 -9.15 16.04 -23.15
N LEU A 337 -9.09 16.68 -21.98
CA LEU A 337 -10.33 17.17 -21.37
C LEU A 337 -11.13 18.15 -22.25
N SER A 338 -10.49 18.90 -23.14
CA SER A 338 -11.18 19.76 -24.09
C SER A 338 -12.14 19.04 -25.04
N ASN A 339 -12.05 17.72 -25.16
CA ASN A 339 -13.02 16.94 -25.93
C ASN A 339 -14.24 16.64 -25.11
N TYR A 340 -14.19 16.86 -23.83
CA TYR A 340 -15.33 16.58 -22.97
C TYR A 340 -15.95 17.87 -22.37
N LEU A 341 -15.13 18.90 -22.10
CA LEU A 341 -15.51 20.07 -21.31
C LEU A 341 -15.49 21.30 -22.16
N THR A 342 -16.38 22.25 -21.91
CA THR A 342 -16.48 23.42 -22.74
C THR A 342 -15.47 24.43 -22.34
N ASN A 343 -15.12 24.50 -21.06
CA ASN A 343 -14.09 25.49 -20.71
C ASN A 343 -13.00 24.92 -19.84
N VAL A 344 -12.00 24.38 -20.52
CA VAL A 344 -10.85 23.89 -19.85
C VAL A 344 -10.01 25.07 -19.36
N ASP A 345 -10.26 26.28 -19.79
CA ASP A 345 -9.39 27.39 -19.35
C ASP A 345 -9.74 27.84 -17.94
N ASP A 346 -10.83 27.39 -17.39
CA ASP A 346 -11.23 27.81 -16.06
C ASP A 346 -10.78 26.82 -14.96
N ILE A 347 -10.10 25.74 -15.33
CA ILE A 347 -9.68 24.75 -14.40
C ILE A 347 -8.21 24.51 -14.55
N THR A 348 -7.62 24.03 -13.48
CA THR A 348 -6.27 23.56 -13.48
C THR A 348 -6.31 22.08 -13.38
N LEU A 349 -5.44 21.41 -14.13
CA LEU A 349 -5.33 19.94 -14.16
C LEU A 349 -3.90 19.58 -13.86
N VAL A 350 -3.70 18.74 -12.85
CA VAL A 350 -2.47 18.04 -12.67
C VAL A 350 -2.55 16.81 -13.60
N PRO A 351 -1.75 16.75 -14.67
CA PRO A 351 -2.04 15.89 -15.81
C PRO A 351 -1.18 14.63 -15.79
N GLY A 352 -1.38 13.76 -16.79
CA GLY A 352 -0.49 12.70 -17.00
C GLY A 352 -1.07 11.38 -16.70
N THR A 353 -0.39 10.63 -15.88
CA THR A 353 -0.87 9.28 -15.51
C THR A 353 -1.87 9.27 -14.36
N LEU A 354 -2.26 10.44 -13.92
CA LEU A 354 -3.40 10.64 -13.04
C LEU A 354 -3.89 12.05 -13.34
N GLY A 355 -5.11 12.34 -12.96
CA GLY A 355 -5.63 13.72 -13.07
C GLY A 355 -6.08 14.21 -11.68
N ARG A 356 -5.76 15.45 -11.37
CA ARG A 356 -6.43 16.17 -10.29
C ARG A 356 -6.89 17.51 -10.83
N ILE A 357 -8.17 17.84 -10.62
CA ILE A 357 -8.80 19.07 -11.15
C ILE A 357 -9.23 20.00 -10.01
N ARG A 358 -8.97 21.28 -10.20
CA ARG A 358 -9.50 22.32 -9.35
C ARG A 358 -9.71 23.59 -10.15
N PRO A 359 -10.50 24.56 -9.61
CA PRO A 359 -10.75 25.78 -10.35
C PRO A 359 -9.48 26.53 -10.49
N LYS A 360 -9.28 27.17 -11.62
CA LYS A 360 -8.02 27.88 -11.84
C LYS A 360 -7.89 29.00 -10.75
N ILE A 361 -9.01 29.62 -10.40
CA ILE A 361 -9.14 30.53 -9.27
C ILE A 361 -9.69 29.76 -8.06
N PRO A 362 -8.87 29.62 -7.00
CA PRO A 362 -9.35 28.90 -5.82
C PRO A 362 -10.63 29.49 -5.19
N ASN A 363 -11.52 28.62 -4.80
CA ASN A 363 -12.84 28.91 -4.25
C ASN A 363 -13.75 29.61 -5.26
N ASN A 364 -13.52 29.41 -6.56
CA ASN A 364 -14.37 30.06 -7.55
C ASN A 364 -15.82 29.58 -7.41
N LEU A 365 -16.77 30.50 -7.30
CA LEU A 365 -18.18 30.14 -7.07
C LEU A 365 -18.79 29.54 -8.32
N LYS A 366 -18.18 29.82 -9.45
CA LYS A 366 -18.68 29.33 -10.71
C LYS A 366 -18.25 27.84 -10.92
N TYR A 367 -17.30 27.34 -10.12
CA TYR A 367 -16.82 25.99 -10.28
C TYR A 367 -17.88 25.02 -9.88
N ASP A 368 -18.26 24.15 -10.81
CA ASP A 368 -19.32 23.17 -10.57
C ASP A 368 -18.84 21.74 -10.79
N PRO A 369 -18.28 21.10 -9.78
CA PRO A 369 -17.72 19.78 -10.06
C PRO A 369 -18.73 18.71 -10.51
N LYS A 370 -19.99 18.92 -10.18
CA LYS A 370 -21.01 17.96 -10.58
C LYS A 370 -21.26 18.01 -12.07
N ALA A 371 -21.28 19.19 -12.66
CA ALA A 371 -21.49 19.22 -14.09
C ALA A 371 -20.24 18.71 -14.79
N ILE A 372 -19.07 18.87 -14.17
CA ILE A 372 -17.83 18.45 -14.81
C ILE A 372 -17.77 16.93 -14.78
N ILE A 373 -18.06 16.33 -13.62
CA ILE A 373 -18.06 14.89 -13.53
C ILE A 373 -19.02 14.27 -14.51
N ALA A 374 -20.21 14.84 -14.62
CA ALA A 374 -21.22 14.33 -15.55
C ALA A 374 -20.64 14.33 -16.99
N ASN A 375 -19.94 15.39 -17.42
CA ASN A 375 -19.40 15.43 -18.80
C ASN A 375 -18.23 14.50 -19.08
N LEU A 376 -17.64 14.04 -17.99
CA LEU A 376 -16.48 13.14 -18.03
C LEU A 376 -16.85 11.65 -17.87
N THR A 377 -18.12 11.35 -17.63
CA THR A 377 -18.57 10.03 -17.32
C THR A 377 -19.04 9.23 -18.54
N CYS A 378 -18.38 8.11 -18.82
CA CYS A 378 -18.76 7.15 -19.88
C CYS A 378 -19.22 7.85 -21.17
N LYS A 379 -18.35 8.66 -21.74
CA LYS A 379 -18.68 9.37 -22.96
C LYS A 379 -18.12 8.65 -24.18
N LYS A 380 -17.13 7.80 -24.01
CA LYS A 380 -16.57 7.07 -25.15
C LYS A 380 -16.50 5.59 -24.78
N PRO A 381 -16.76 4.67 -25.74
CA PRO A 381 -16.78 3.25 -25.35
C PRO A 381 -15.42 2.74 -24.87
N ASP A 382 -14.33 3.32 -25.34
CA ASP A 382 -13.01 2.88 -24.90
C ASP A 382 -12.36 4.02 -24.07
N GLN A 383 -13.08 4.67 -23.17
CA GLN A 383 -12.58 5.88 -22.51
C GLN A 383 -11.42 5.46 -21.64
N HIS A 384 -10.28 6.13 -21.73
CA HIS A 384 -9.10 5.69 -21.00
C HIS A 384 -8.79 6.42 -19.69
N PHE A 385 -9.83 6.99 -19.09
CA PHE A 385 -9.77 7.41 -17.76
C PHE A 385 -11.15 7.36 -17.17
N LYS A 386 -11.21 7.49 -15.88
CA LYS A 386 -12.48 7.50 -15.20
C LYS A 386 -12.48 8.56 -14.06
N PRO A 387 -13.49 9.42 -14.05
CA PRO A 387 -13.56 10.46 -12.99
C PRO A 387 -14.08 9.90 -11.70
N TYR A 388 -13.59 10.41 -10.57
CA TYR A 388 -14.08 10.02 -9.27
C TYR A 388 -14.09 11.23 -8.40
N MET A 389 -15.11 11.44 -7.59
CA MET A 389 -14.92 12.26 -6.39
C MET A 389 -13.95 11.48 -5.49
N LYS A 390 -13.00 12.11 -4.84
CA LYS A 390 -11.97 11.34 -4.11
C LYS A 390 -12.48 10.36 -3.05
N GLN A 391 -13.58 10.69 -2.38
CA GLN A 391 -14.24 9.74 -1.51
C GLN A 391 -14.83 8.52 -2.21
N HIS A 392 -15.01 8.52 -3.53
CA HIS A 392 -15.45 7.30 -4.16
C HIS A 392 -14.31 6.45 -4.70
N LEU A 393 -13.07 6.91 -4.64
CA LEU A 393 -11.96 6.10 -5.09
C LEU A 393 -11.92 4.81 -4.28
N PRO A 394 -11.44 3.71 -4.92
CA PRO A 394 -11.26 2.52 -4.19
C PRO A 394 -10.52 2.73 -2.92
N LYS A 395 -11.03 2.10 -1.89
CA LYS A 395 -10.52 2.29 -0.53
C LYS A 395 -9.12 1.83 -0.36
N ARG A 396 -8.74 0.82 -1.12
CA ARG A 396 -7.37 0.31 -1.04
C ARG A 396 -6.30 1.37 -1.40
N LEU A 397 -6.69 2.43 -2.13
CA LEU A 397 -5.78 3.47 -2.51
C LEU A 397 -5.41 4.43 -1.35
N HIS A 398 -6.29 4.51 -0.37
CA HIS A 398 -6.15 5.37 0.80
C HIS A 398 -5.75 6.78 0.37
N TYR A 399 -6.48 7.32 -0.60
CA TYR A 399 -6.11 8.56 -1.25
C TYR A 399 -7.25 9.60 -1.22
N ALA A 400 -7.54 10.07 0.00
CA ALA A 400 -8.59 11.08 0.16
C ALA A 400 -8.43 12.02 1.29
N ASN A 401 -7.86 11.56 2.40
CA ASN A 401 -7.92 12.38 3.60
C ASN A 401 -6.76 13.37 3.75
N ASN A 402 -6.69 14.32 2.80
CA ASN A 402 -5.73 15.39 2.87
C ASN A 402 -6.22 16.52 2.09
N ARG A 403 -6.04 17.73 2.63
CA ARG A 403 -6.49 18.93 1.96
C ARG A 403 -5.77 19.21 0.64
N ARG A 404 -4.63 18.60 0.43
CA ARG A 404 -3.92 18.81 -0.81
C ARG A 404 -4.42 17.90 -1.94
N ILE A 405 -5.32 16.96 -1.66
CA ILE A 405 -5.90 16.09 -2.68
C ILE A 405 -7.17 16.76 -3.10
N GLU A 406 -7.22 17.13 -4.37
CA GLU A 406 -8.40 17.72 -4.93
C GLU A 406 -9.65 16.81 -4.90
N ASP A 407 -10.84 17.40 -4.77
CA ASP A 407 -12.08 16.62 -4.70
C ASP A 407 -12.22 15.80 -5.96
N LEU A 408 -11.85 16.34 -7.12
CA LEU A 408 -12.06 15.62 -8.37
C LEU A 408 -10.78 14.96 -8.84
N HIS A 409 -10.86 13.65 -9.07
CA HIS A 409 -9.75 12.84 -9.47
C HIS A 409 -10.07 12.05 -10.75
N LEU A 410 -9.04 11.85 -11.57
CA LEU A 410 -9.13 11.00 -12.76
C LEU A 410 -8.14 9.82 -12.57
N LEU A 411 -8.69 8.61 -12.53
CA LEU A 411 -7.90 7.43 -12.59
C LEU A 411 -7.68 7.08 -14.04
N VAL A 412 -6.43 7.03 -14.46
CA VAL A 412 -6.09 6.88 -15.85
C VAL A 412 -5.75 5.44 -16.14
N GLU A 413 -6.19 4.96 -17.32
CA GLU A 413 -5.88 3.61 -17.71
C GLU A 413 -4.38 3.46 -18.00
N ARG A 414 -3.87 2.31 -17.60
CA ARG A 414 -2.47 1.97 -17.90
C ARG A 414 -2.14 2.25 -19.35
N ARG A 415 -0.93 2.81 -19.63
CA ARG A 415 -0.43 3.10 -20.95
C ARG A 415 -0.94 4.40 -21.56
N TRP A 416 -1.77 5.12 -20.81
CA TRP A 416 -2.38 6.37 -21.28
C TRP A 416 -1.99 7.58 -20.40
N HIS A 417 -2.18 8.74 -20.99
CA HIS A 417 -2.13 10.03 -20.32
C HIS A 417 -3.44 10.77 -20.46
N VAL A 418 -3.73 11.63 -19.49
CA VAL A 418 -4.76 12.66 -19.64
C VAL A 418 -4.12 14.03 -19.64
N ALA A 419 -4.53 14.87 -20.56
CA ALA A 419 -4.07 16.26 -20.62
C ALA A 419 -5.26 17.18 -20.77
N ARG A 420 -5.05 18.47 -20.55
CA ARG A 420 -6.13 19.45 -20.57
C ARG A 420 -6.61 19.72 -21.98
N LYS A 421 -5.67 19.98 -22.89
CA LYS A 421 -5.95 20.27 -24.26
C LYS A 421 -4.76 19.95 -25.19
N PRO A 422 -5.01 19.86 -26.51
CA PRO A 422 -3.98 19.40 -27.46
C PRO A 422 -2.72 20.24 -27.49
N LEU A 423 -2.84 21.53 -27.24
CA LEU A 423 -1.68 22.36 -27.18
C LEU A 423 -0.70 21.86 -26.09
N ASP A 424 -1.12 21.09 -25.09
CA ASP A 424 -0.18 20.58 -24.05
C ASP A 424 0.70 19.36 -24.52
N VAL A 425 0.46 18.83 -25.73
CA VAL A 425 1.29 17.70 -26.22
C VAL A 425 2.15 18.26 -27.37
N TYR A 426 3.45 17.91 -27.40
CA TYR A 426 4.40 18.50 -28.35
C TYR A 426 5.01 17.42 -29.26
N LYS A 427 4.19 16.95 -30.20
CA LYS A 427 4.62 15.96 -31.20
C LYS A 427 5.71 16.59 -32.07
N LYS A 428 6.84 15.89 -32.20
CA LYS A 428 8.06 16.48 -32.80
C LYS A 428 7.94 16.39 -34.34
N PRO A 429 8.97 16.88 -35.08
CA PRO A 429 8.88 16.69 -36.55
C PRO A 429 8.60 15.21 -36.91
N SER A 430 9.42 14.30 -36.38
CA SER A 430 9.09 12.87 -36.17
C SER A 430 7.62 12.43 -36.36
N GLY A 431 6.66 13.16 -35.80
CA GLY A 431 5.33 12.62 -35.49
C GLY A 431 5.31 12.00 -34.07
N LYS A 432 6.48 11.87 -33.44
CA LYS A 432 6.66 11.19 -32.16
C LYS A 432 7.02 12.21 -31.05
N CYS A 433 6.92 11.78 -29.79
CA CYS A 433 7.35 12.58 -28.66
C CYS A 433 8.67 12.02 -28.13
N PHE A 434 9.30 12.73 -27.24
CA PHE A 434 10.56 12.24 -26.74
C PHE A 434 10.39 11.06 -25.77
N PHE A 435 9.21 10.86 -25.22
CA PHE A 435 9.09 9.85 -24.20
C PHE A 435 8.31 8.60 -24.63
N GLN A 436 8.68 7.50 -23.98
CA GLN A 436 8.13 6.21 -24.28
C GLN A 436 7.76 5.47 -23.02
N GLY A 437 7.98 6.09 -21.87
CA GLY A 437 7.67 5.45 -20.60
C GLY A 437 7.15 6.39 -19.57
N ASP A 438 6.22 5.94 -18.75
CA ASP A 438 5.73 6.74 -17.60
C ASP A 438 5.19 5.84 -16.48
N HIS A 439 4.82 6.49 -15.37
CA HIS A 439 4.23 5.81 -14.22
C HIS A 439 3.47 6.80 -13.40
N GLY A 440 2.78 6.33 -12.39
CA GLY A 440 1.86 7.07 -11.59
C GLY A 440 0.54 6.39 -11.40
N PHE A 441 0.23 5.40 -12.27
CA PHE A 441 -0.98 4.64 -12.26
C PHE A 441 -1.28 3.91 -10.99
N ASP A 442 -2.56 3.55 -10.90
CA ASP A 442 -3.13 2.68 -9.84
C ASP A 442 -2.08 1.69 -9.38
N ASN A 443 -1.88 1.56 -8.07
CA ASN A 443 -0.72 0.80 -7.61
C ASN A 443 -0.85 -0.71 -7.70
N LYS A 444 -1.98 -1.20 -8.18
CA LYS A 444 -2.11 -2.66 -8.34
C LYS A 444 -1.76 -3.09 -9.78
N VAL A 445 -1.54 -2.08 -10.65
CA VAL A 445 -1.12 -2.32 -12.01
C VAL A 445 0.25 -3.03 -12.00
N ASN A 446 0.38 -4.09 -12.76
CA ASN A 446 1.60 -4.85 -12.77
C ASN A 446 2.92 -4.10 -13.11
N SER A 447 2.83 -3.28 -14.14
CA SER A 447 4.01 -2.52 -14.56
C SER A 447 4.51 -1.53 -13.49
N MET A 448 3.71 -1.20 -12.49
CA MET A 448 4.06 -0.27 -11.48
C MET A 448 4.81 -0.92 -10.29
N GLN A 449 4.87 -2.24 -10.25
CA GLN A 449 5.46 -2.92 -9.12
C GLN A 449 6.96 -2.74 -9.19
N THR A 450 7.58 -2.80 -8.02
CA THR A 450 8.99 -2.57 -7.89
C THR A 450 9.64 -3.73 -7.09
N VAL A 451 10.86 -3.52 -6.62
CA VAL A 451 11.73 -4.59 -6.08
C VAL A 451 12.02 -4.47 -4.61
N PHE A 452 12.33 -5.61 -3.99
CA PHE A 452 12.87 -5.59 -2.63
C PHE A 452 13.78 -6.78 -2.49
N VAL A 453 14.98 -6.50 -2.02
CA VAL A 453 15.91 -7.52 -1.61
C VAL A 453 16.55 -7.10 -0.30
N GLY A 454 16.73 -8.05 0.61
CA GLY A 454 17.41 -7.79 1.88
C GLY A 454 18.52 -8.78 1.96
N TYR A 455 19.70 -8.33 2.28
CA TYR A 455 20.85 -9.22 2.45
C TYR A 455 21.67 -8.85 3.66
N GLY A 456 22.04 -9.84 4.47
CA GLY A 456 22.84 -9.55 5.64
C GLY A 456 22.55 -10.43 6.82
N PRO A 457 23.27 -10.23 7.92
CA PRO A 457 23.09 -11.14 9.07
C PRO A 457 21.71 -11.19 9.63
N THR A 458 20.93 -10.12 9.51
CA THR A 458 19.59 -10.12 10.14
C THR A 458 18.54 -10.70 9.21
N PHE A 459 18.83 -10.79 7.92
CA PHE A 459 17.84 -11.23 6.96
C PHE A 459 18.05 -12.71 6.84
N LYS A 460 17.05 -13.37 6.30
CA LYS A 460 17.11 -14.83 6.05
C LYS A 460 17.97 -15.12 4.85
N TYR A 461 18.42 -16.34 4.78
CA TYR A 461 19.36 -16.78 3.75
C TYR A 461 18.58 -17.55 2.69
N ARG A 462 18.80 -17.22 1.42
CA ARG A 462 18.15 -17.88 0.27
C ARG A 462 16.68 -18.09 0.45
N THR A 463 16.00 -17.04 0.84
CA THR A 463 14.58 -17.10 1.22
C THR A 463 13.73 -16.25 0.31
N LYS A 464 12.69 -16.84 -0.26
CA LYS A 464 11.70 -16.04 -1.01
C LYS A 464 10.51 -15.74 -0.12
N VAL A 465 10.01 -14.54 -0.14
CA VAL A 465 8.90 -14.18 0.68
C VAL A 465 7.81 -13.66 -0.25
N PRO A 466 6.52 -13.70 0.17
CA PRO A 466 5.48 -13.18 -0.69
C PRO A 466 5.61 -11.66 -0.95
N PRO A 467 5.03 -11.18 -2.07
CA PRO A 467 4.98 -9.77 -2.36
C PRO A 467 4.35 -9.00 -1.20
N PHE A 468 4.80 -7.79 -0.93
CA PHE A 468 4.27 -7.02 0.17
C PHE A 468 4.30 -5.55 -0.19
N GLU A 469 3.60 -4.71 0.60
CA GLU A 469 3.46 -3.27 0.34
C GLU A 469 4.60 -2.48 0.96
N ASN A 470 5.06 -1.46 0.24
CA ASN A 470 6.10 -0.63 0.80
C ASN A 470 5.82 0.07 2.12
N ILE A 471 4.57 0.28 2.49
CA ILE A 471 4.26 0.84 3.78
C ILE A 471 4.77 -0.05 4.94
N GLU A 472 5.08 -1.29 4.68
CA GLU A 472 5.45 -2.21 5.76
C GLU A 472 6.95 -2.09 6.12
N LEU A 473 7.73 -1.45 5.24
CA LEU A 473 9.22 -1.50 5.44
C LEU A 473 9.73 -0.71 6.59
N TYR A 474 9.14 0.42 6.85
CA TYR A 474 9.57 1.27 7.94
C TYR A 474 9.67 0.50 9.26
N ASN A 475 8.68 -0.31 9.60
CA ASN A 475 8.76 -1.08 10.82
C ASN A 475 9.95 -2.02 10.84
N VAL A 476 10.23 -2.64 9.71
CA VAL A 476 11.33 -3.55 9.61
C VAL A 476 12.70 -2.89 9.72
N MET A 477 12.85 -1.73 9.08
CA MET A 477 14.09 -0.95 9.22
C MET A 477 14.31 -0.52 10.65
N CYS A 478 13.24 -0.12 11.29
CA CYS A 478 13.26 0.11 12.68
C CYS A 478 13.70 -1.13 13.47
N ASP A 479 13.11 -2.27 13.22
CA ASP A 479 13.55 -3.52 13.84
C ASP A 479 15.01 -3.77 13.60
N LEU A 480 15.48 -3.57 12.38
CA LEU A 480 16.90 -3.77 12.06
C LEU A 480 17.78 -2.86 12.76
N LEU A 481 17.29 -1.71 13.22
CA LEU A 481 18.15 -0.76 13.94
C LEU A 481 17.92 -0.72 15.45
N GLY A 482 17.07 -1.59 15.99
CA GLY A 482 16.68 -1.51 17.41
C GLY A 482 15.83 -0.31 17.78
N LEU A 483 15.01 0.23 16.85
CA LEU A 483 14.20 1.43 17.13
C LEU A 483 12.74 1.10 17.38
N LYS A 484 12.06 1.92 18.13
CA LYS A 484 10.59 1.79 18.24
C LYS A 484 10.01 2.68 17.12
N PRO A 485 9.20 2.11 16.24
CA PRO A 485 8.64 2.92 15.14
C PRO A 485 7.63 3.94 15.64
N ALA A 486 7.60 5.10 15.01
CA ALA A 486 6.54 6.05 15.24
C ALA A 486 5.24 5.47 14.66
N PRO A 487 4.05 5.91 15.13
CA PRO A 487 2.76 5.34 14.63
C PRO A 487 2.69 5.41 13.10
N ASN A 488 2.41 4.28 12.44
CA ASN A 488 2.42 4.28 10.95
C ASN A 488 1.41 3.28 10.44
N ASN A 489 1.34 3.07 9.14
CA ASN A 489 0.29 2.28 8.55
C ASN A 489 0.69 0.86 8.26
N GLY A 490 1.94 0.52 8.54
CA GLY A 490 2.42 -0.82 8.44
C GLY A 490 1.73 -1.62 9.55
N THR A 491 1.75 -2.91 9.40
CA THR A 491 1.21 -3.83 10.42
C THR A 491 2.41 -4.51 10.98
N HIS A 492 2.83 -4.05 12.15
CA HIS A 492 4.08 -4.54 12.72
C HIS A 492 3.99 -6.02 13.15
N GLY A 493 4.91 -6.82 12.61
CA GLY A 493 4.87 -8.27 12.63
C GLY A 493 4.50 -8.94 11.34
N SER A 494 3.83 -8.25 10.41
CA SER A 494 3.54 -8.81 9.10
C SER A 494 4.73 -9.19 8.27
N LEU A 495 5.89 -8.59 8.52
CA LEU A 495 7.11 -8.90 7.79
C LEU A 495 8.16 -9.55 8.71
N ASN A 496 7.73 -10.15 9.83
CA ASN A 496 8.71 -10.92 10.64
C ASN A 496 9.33 -12.02 9.88
N HIS A 497 8.60 -12.58 8.93
CA HIS A 497 9.11 -13.72 8.17
C HIS A 497 10.29 -13.37 7.23
N LEU A 498 10.68 -12.09 7.16
CA LEU A 498 11.88 -11.68 6.39
C LEU A 498 13.17 -11.85 7.17
N LEU A 499 13.03 -11.90 8.49
CA LEU A 499 14.19 -11.81 9.39
C LEU A 499 14.51 -13.10 10.08
N ARG A 500 15.79 -13.28 10.28
CA ARG A 500 16.37 -14.36 11.04
C ARG A 500 16.21 -14.07 12.52
N THR A 501 16.39 -12.82 12.96
CA THR A 501 16.16 -12.42 14.38
C THR A 501 15.73 -10.94 14.37
N ASN A 502 15.75 -10.27 15.53
CA ASN A 502 15.21 -8.93 15.69
C ASN A 502 13.72 -8.93 15.33
N THR A 503 13.06 -10.12 15.41
CA THR A 503 11.65 -10.13 15.06
C THR A 503 10.90 -9.31 16.14
N PHE A 504 9.70 -8.84 15.79
CA PHE A 504 8.89 -8.10 16.73
C PHE A 504 7.83 -9.05 17.25
N ARG A 505 7.66 -9.12 18.55
CA ARG A 505 6.64 -10.04 19.08
C ARG A 505 5.33 -9.23 19.21
N PRO A 506 4.39 -9.45 18.29
CA PRO A 506 3.17 -8.68 18.27
C PRO A 506 2.18 -9.28 19.24
N THR A 507 1.26 -8.46 19.74
CA THR A 507 0.29 -8.96 20.71
C THR A 507 -1.11 -8.63 20.23
N LEU A 508 -2.01 -9.60 20.42
CA LEU A 508 -3.39 -9.51 19.92
C LEU A 508 -4.01 -8.28 20.55
N PRO A 509 -4.67 -7.43 19.82
CA PRO A 509 -5.34 -6.33 20.57
C PRO A 509 -6.47 -6.82 21.48
N GLU A 510 -6.71 -6.14 22.63
CA GLU A 510 -7.70 -6.56 23.63
C GLU A 510 -9.13 -6.29 23.17
N GLU A 511 -10.03 -7.24 23.34
CA GLU A 511 -11.40 -7.02 22.93
C GLU A 511 -11.93 -5.97 23.88
N VAL A 512 -12.66 -5.00 23.38
CA VAL A 512 -13.17 -3.94 24.23
C VAL A 512 -14.60 -4.14 24.70
N SER A 513 -15.49 -4.55 23.80
CA SER A 513 -16.88 -4.83 24.16
C SER A 513 -17.08 -6.33 24.05
N ARG A 514 -17.77 -6.87 25.00
CA ARG A 514 -18.05 -8.29 25.00
C ARG A 514 -19.49 -8.43 24.53
N PRO A 515 -19.79 -9.47 23.77
CA PRO A 515 -21.18 -9.70 23.29
C PRO A 515 -22.20 -10.17 24.35
N ASN A 516 -23.48 -9.88 24.12
CA ASN A 516 -24.56 -10.54 24.83
C ASN A 516 -25.04 -11.74 23.98
N TYR A 517 -25.66 -12.72 24.65
CA TYR A 517 -26.20 -13.90 23.93
C TYR A 517 -27.71 -14.02 24.20
N PRO A 518 -28.51 -13.13 23.57
CA PRO A 518 -29.90 -13.09 23.99
C PRO A 518 -30.63 -14.37 23.55
N GLY A 519 -31.44 -14.93 24.43
CA GLY A 519 -32.46 -15.95 24.11
C GLY A 519 -33.77 -15.26 23.76
N ILE A 520 -34.90 -15.96 23.80
CA ILE A 520 -36.18 -15.32 23.49
C ILE A 520 -36.60 -14.38 24.60
N MET A 521 -36.61 -13.09 24.36
CA MET A 521 -37.10 -12.17 25.36
C MET A 521 -38.48 -11.65 24.97
N TYR A 522 -38.96 -11.93 23.75
CA TYR A 522 -40.18 -11.29 23.25
C TYR A 522 -41.20 -12.21 22.54
N LEU A 523 -42.47 -11.76 22.53
CA LEU A 523 -43.49 -12.37 21.70
C LEU A 523 -43.56 -11.67 20.33
N GLN A 524 -43.82 -12.45 19.29
CA GLN A 524 -44.15 -11.88 17.97
C GLN A 524 -45.14 -10.68 18.10
N SER A 525 -46.02 -10.71 19.10
CA SER A 525 -47.01 -9.62 19.36
C SER A 525 -46.45 -8.32 19.96
N ASP A 526 -45.25 -8.36 20.52
CA ASP A 526 -44.57 -7.15 20.97
C ASP A 526 -44.14 -6.16 19.85
N PHE A 527 -44.14 -6.63 18.61
CA PHE A 527 -43.46 -5.91 17.53
C PHE A 527 -44.48 -5.20 16.68
N ASP A 528 -44.28 -3.91 16.48
CA ASP A 528 -44.98 -3.20 15.43
C ASP A 528 -43.94 -2.52 14.58
N LEU A 529 -43.35 -3.29 13.69
CA LEU A 529 -42.30 -2.82 12.78
C LEU A 529 -42.85 -2.42 11.39
N GLY A 530 -44.12 -2.73 11.12
CA GLY A 530 -44.70 -2.45 9.81
C GLY A 530 -44.29 -3.47 8.75
N CYS A 531 -43.70 -4.56 9.19
CA CYS A 531 -43.21 -5.61 8.32
C CYS A 531 -44.27 -6.68 8.17
N THR A 532 -44.30 -7.31 7.02
CA THR A 532 -45.26 -8.35 6.72
C THR A 532 -44.48 -9.60 6.32
N CYS A 533 -44.94 -10.77 6.71
CA CYS A 533 -44.43 -12.01 6.11
C CYS A 533 -45.57 -12.98 5.78
N ASP A 534 -45.79 -13.22 4.48
CA ASP A 534 -47.00 -13.92 4.00
C ASP A 534 -46.77 -15.42 3.95
N ASP A 535 -45.84 -15.91 4.78
CA ASP A 535 -45.61 -17.34 4.97
C ASP A 535 -45.01 -17.60 6.35
N LYS A 536 -44.98 -18.88 6.73
CA LYS A 536 -44.62 -19.31 8.08
C LYS A 536 -44.07 -20.77 8.11
N ASN A 537 -42.98 -20.98 8.85
CA ASN A 537 -42.43 -22.30 9.13
C ASN A 537 -42.90 -22.68 10.51
N LYS A 538 -44.00 -23.41 10.57
CA LYS A 538 -44.58 -23.84 11.88
C LYS A 538 -43.72 -24.90 12.58
N LEU A 539 -42.84 -25.57 11.83
CA LEU A 539 -42.02 -26.67 12.38
C LEU A 539 -40.96 -26.12 13.35
N GLU A 540 -40.54 -24.89 13.07
CA GLU A 540 -39.49 -24.15 13.79
C GLU A 540 -39.80 -23.81 15.25
N GLU A 541 -41.05 -23.39 15.51
CA GLU A 541 -41.54 -23.22 16.87
C GLU A 541 -41.59 -24.53 17.69
N LEU A 542 -41.42 -25.72 17.07
CA LEU A 542 -41.31 -27.02 17.80
C LEU A 542 -39.83 -27.38 18.04
N ASN A 543 -38.94 -26.59 17.51
CA ASN A 543 -37.51 -26.82 17.72
C ASN A 543 -37.11 -26.12 19.02
N LYS A 544 -37.05 -26.90 20.11
CA LYS A 544 -36.71 -26.36 21.40
C LYS A 544 -35.30 -25.81 21.41
N ARG A 545 -34.38 -26.33 20.58
CA ARG A 545 -32.99 -25.81 20.51
C ARG A 545 -32.81 -24.74 19.49
N LEU A 546 -33.91 -24.24 18.94
CA LEU A 546 -33.81 -23.22 17.87
C LEU A 546 -32.86 -22.12 18.28
N HIS A 547 -31.92 -21.80 17.41
CA HIS A 547 -31.00 -20.65 17.63
C HIS A 547 -30.05 -20.78 18.86
N THR A 548 -29.78 -21.98 19.32
CA THR A 548 -28.69 -22.18 20.26
C THR A 548 -27.43 -22.37 19.45
N LYS A 549 -26.28 -22.28 20.12
CA LYS A 549 -25.00 -22.41 19.46
C LYS A 549 -24.88 -23.69 18.63
N GLY A 550 -25.18 -24.84 19.24
CA GLY A 550 -25.15 -26.14 18.56
C GLY A 550 -23.83 -26.26 17.82
N SER A 551 -23.85 -26.70 16.57
CA SER A 551 -22.64 -26.74 15.76
C SER A 551 -22.44 -25.48 14.85
N THR A 552 -23.39 -24.54 14.88
CA THR A 552 -23.27 -23.27 14.18
C THR A 552 -21.86 -22.66 14.23
N GLU A 553 -21.32 -22.50 15.42
CA GLU A 553 -20.03 -21.85 15.53
C GLU A 553 -18.94 -22.70 14.88
N GLU A 554 -18.89 -23.99 15.23
CA GLU A 554 -17.99 -24.93 14.55
C GLU A 554 -18.06 -24.81 13.01
N ARG A 555 -19.26 -24.67 12.43
CA ARG A 555 -19.41 -24.71 10.97
C ARG A 555 -19.23 -23.33 10.33
N HIS A 556 -19.69 -22.26 10.99
CA HIS A 556 -19.86 -20.97 10.30
C HIS A 556 -18.91 -19.99 10.80
N LEU A 557 -18.34 -20.23 11.96
CA LEU A 557 -17.37 -19.23 12.47
C LEU A 557 -16.00 -19.88 12.64
N LEU A 558 -15.30 -20.01 11.54
CA LEU A 558 -14.18 -20.96 11.49
C LEU A 558 -12.88 -20.48 12.16
N TYR A 559 -12.71 -19.17 12.33
CA TYR A 559 -11.45 -18.61 12.83
C TYR A 559 -11.72 -17.78 14.09
N GLY A 560 -12.81 -18.04 14.80
CA GLY A 560 -13.15 -17.27 16.01
C GLY A 560 -14.09 -16.12 15.73
N ARG A 561 -14.79 -15.62 16.73
CA ARG A 561 -15.58 -14.43 16.51
C ARG A 561 -14.58 -13.28 16.37
N PRO A 562 -14.86 -12.35 15.48
CA PRO A 562 -14.14 -11.10 15.49
C PRO A 562 -14.25 -10.39 16.82
N ALA A 563 -13.15 -9.82 17.27
CA ALA A 563 -13.22 -9.06 18.50
C ALA A 563 -13.68 -7.65 18.09
N VAL A 564 -14.56 -7.07 18.91
CA VAL A 564 -14.95 -5.67 18.79
C VAL A 564 -14.00 -4.80 19.62
N LEU A 565 -13.27 -3.90 18.97
CA LEU A 565 -12.26 -3.07 19.65
C LEU A 565 -12.76 -1.67 19.91
N TYR A 566 -14.05 -1.47 20.10
CA TYR A 566 -14.50 -0.16 20.54
C TYR A 566 -15.60 -0.45 21.48
N ARG A 567 -15.98 0.54 22.26
CA ARG A 567 -17.11 0.45 23.18
C ARG A 567 -18.44 0.52 22.46
N THR A 568 -19.28 -0.50 22.65
CA THR A 568 -20.59 -0.56 22.03
C THR A 568 -21.39 -1.72 22.65
N SER A 569 -22.64 -1.86 22.22
CA SER A 569 -23.55 -2.88 22.70
C SER A 569 -23.90 -3.80 21.51
N TYR A 570 -23.51 -5.07 21.56
CA TYR A 570 -23.93 -6.00 20.52
C TYR A 570 -24.29 -7.41 21.00
N ASP A 571 -24.96 -8.13 20.11
CA ASP A 571 -25.54 -9.45 20.43
C ASP A 571 -25.01 -10.49 19.46
N ILE A 572 -24.63 -11.64 19.95
CA ILE A 572 -24.34 -12.75 19.06
C ILE A 572 -25.62 -13.52 18.77
N LEU A 573 -25.83 -13.76 17.49
CA LEU A 573 -27.06 -14.44 17.03
C LEU A 573 -26.70 -15.65 16.23
N TYR A 574 -27.25 -16.75 16.65
CA TYR A 574 -26.98 -18.04 16.03
C TYR A 574 -28.15 -18.53 15.13
N HIS A 575 -27.81 -19.17 14.03
CA HIS A 575 -28.78 -19.78 13.16
C HIS A 575 -28.13 -21.00 12.52
N THR A 576 -28.94 -21.85 11.92
CA THR A 576 -28.44 -23.03 11.22
C THR A 576 -27.39 -22.72 10.14
N ASP A 577 -27.63 -21.66 9.36
CA ASP A 577 -26.78 -21.36 8.25
C ASP A 577 -25.80 -20.21 8.47
N PHE A 578 -25.92 -19.49 9.57
CA PHE A 578 -25.04 -18.33 9.74
C PHE A 578 -25.02 -17.85 11.17
N GLU A 579 -23.94 -17.15 11.50
CA GLU A 579 -23.81 -16.48 12.77
C GLU A 579 -23.60 -14.96 12.57
N SER A 580 -24.16 -14.14 13.43
CA SER A 580 -23.98 -12.68 13.27
C SER A 580 -23.66 -12.00 14.62
N GLY A 581 -23.06 -10.81 14.51
CA GLY A 581 -22.79 -9.95 15.60
C GLY A 581 -23.65 -8.75 15.32
N TYR A 582 -24.75 -8.61 16.07
CA TYR A 582 -25.82 -7.66 15.75
C TYR A 582 -25.64 -6.44 16.65
N SER A 583 -25.51 -5.24 16.07
CA SER A 583 -25.33 -4.02 16.87
C SER A 583 -26.64 -3.44 17.27
N GLU A 584 -26.83 -3.25 18.57
CA GLU A 584 -27.98 -2.54 19.08
C GLU A 584 -27.87 -1.04 18.89
N ILE A 585 -26.69 -0.55 18.55
CA ILE A 585 -26.49 0.86 18.37
C ILE A 585 -26.77 1.25 16.91
N PHE A 586 -26.24 0.49 15.95
CA PHE A 586 -26.46 0.79 14.53
C PHE A 586 -27.58 -0.02 13.87
N LEU A 587 -28.23 -0.84 14.69
CA LEU A 587 -29.40 -1.55 14.30
C LEU A 587 -29.19 -2.51 13.11
N MET A 588 -28.05 -3.13 13.06
CA MET A 588 -27.75 -4.06 12.00
C MET A 588 -26.51 -4.84 12.38
N PRO A 589 -26.19 -5.91 11.65
CA PRO A 589 -25.00 -6.65 12.02
C PRO A 589 -23.74 -5.86 11.77
N LEU A 590 -22.78 -5.98 12.67
CA LEU A 590 -21.42 -5.51 12.43
C LEU A 590 -20.74 -6.47 11.49
N TRP A 591 -21.06 -7.75 11.64
CA TRP A 591 -20.57 -8.80 10.80
C TRP A 591 -21.58 -9.96 10.78
N THR A 592 -21.49 -10.79 9.73
CA THR A 592 -22.31 -11.96 9.53
C THR A 592 -21.42 -12.97 8.88
N SER A 593 -21.34 -14.14 9.48
CA SER A 593 -20.38 -15.16 9.09
C SER A 593 -21.01 -16.46 8.65
N TYR A 594 -20.58 -17.02 7.52
CA TYR A 594 -21.16 -18.35 7.12
C TYR A 594 -20.25 -19.12 6.18
N THR A 595 -20.50 -20.42 6.10
CA THR A 595 -19.64 -21.24 5.34
C THR A 595 -20.50 -21.91 4.33
N ILE A 596 -20.02 -21.89 3.09
CA ILE A 596 -20.67 -22.53 1.92
C ILE A 596 -19.77 -23.64 1.32
N SER A 597 -20.27 -24.86 1.30
CA SER A 597 -19.51 -26.02 0.80
C SER A 597 -19.41 -25.99 -0.73
N LYS A 598 -18.38 -26.64 -1.26
CA LYS A 598 -18.24 -26.82 -2.71
C LYS A 598 -19.55 -27.31 -3.39
N GLN A 599 -20.26 -28.20 -2.72
CA GLN A 599 -21.44 -28.86 -3.26
C GLN A 599 -22.77 -28.16 -2.88
N ALA A 600 -22.72 -26.97 -2.27
CA ALA A 600 -23.92 -26.31 -1.80
C ALA A 600 -24.81 -26.02 -2.98
N GLU A 601 -26.10 -26.03 -2.76
CA GLU A 601 -27.06 -25.78 -3.82
C GLU A 601 -27.55 -24.35 -3.66
N VAL A 602 -27.69 -23.61 -4.76
CA VAL A 602 -28.32 -22.30 -4.77
C VAL A 602 -29.81 -22.54 -5.06
N SER A 603 -30.71 -21.80 -4.41
CA SER A 603 -32.16 -21.93 -4.62
C SER A 603 -32.82 -20.54 -4.75
N SER A 604 -34.05 -20.45 -5.24
CA SER A 604 -34.70 -19.12 -5.35
C SER A 604 -35.37 -18.71 -4.04
N ILE A 605 -35.83 -17.46 -4.01
CA ILE A 605 -36.73 -16.95 -2.97
C ILE A 605 -38.15 -17.30 -3.42
N PRO A 606 -38.86 -18.15 -2.68
CA PRO A 606 -40.25 -18.49 -3.08
C PRO A 606 -41.10 -17.20 -3.24
N GLU A 607 -42.12 -17.26 -4.11
CA GLU A 607 -43.01 -16.10 -4.37
C GLU A 607 -43.63 -15.56 -3.08
N HIS A 608 -44.05 -16.45 -2.19
CA HIS A 608 -44.73 -16.06 -0.93
C HIS A 608 -43.74 -15.37 0.05
N LEU A 609 -42.47 -15.36 -0.25
CA LEU A 609 -41.52 -14.75 0.63
C LEU A 609 -40.79 -13.54 0.06
N THR A 610 -41.16 -13.09 -1.13
CA THR A 610 -40.35 -12.06 -1.83
C THR A 610 -40.19 -10.85 -0.91
N ASN A 611 -41.30 -10.36 -0.38
CA ASN A 611 -41.26 -9.17 0.47
C ASN A 611 -41.25 -9.49 1.97
N CYS A 612 -40.89 -10.72 2.34
CA CYS A 612 -40.94 -11.15 3.75
C CYS A 612 -39.79 -10.56 4.59
N VAL A 613 -40.18 -9.95 5.71
CA VAL A 613 -39.24 -9.54 6.75
C VAL A 613 -39.90 -10.00 8.05
N ARG A 614 -39.17 -10.72 8.91
CA ARG A 614 -39.68 -11.19 10.21
C ARG A 614 -39.02 -10.53 11.42
N PRO A 615 -39.81 -10.12 12.44
CA PRO A 615 -39.14 -9.70 13.63
C PRO A 615 -38.38 -10.83 14.33
N ASP A 616 -37.38 -10.47 15.12
CA ASP A 616 -36.44 -11.40 15.74
C ASP A 616 -36.70 -11.36 17.26
N VAL A 617 -37.34 -12.40 17.76
CA VAL A 617 -37.76 -12.45 19.16
C VAL A 617 -36.66 -12.44 20.20
N ARG A 618 -35.41 -12.51 19.75
CA ARG A 618 -34.27 -12.31 20.64
C ARG A 618 -33.89 -10.83 20.90
N VAL A 619 -34.31 -9.91 20.03
CA VAL A 619 -33.86 -8.49 20.10
C VAL A 619 -35.08 -7.58 20.25
N SER A 620 -34.99 -6.55 21.13
CA SER A 620 -36.22 -5.78 21.39
C SER A 620 -36.66 -4.99 20.18
N PRO A 621 -37.96 -4.73 20.10
CA PRO A 621 -38.49 -3.84 19.06
C PRO A 621 -37.67 -2.57 18.96
N GLY A 622 -37.35 -2.01 20.11
CA GLY A 622 -36.59 -0.78 20.21
C GLY A 622 -35.17 -0.85 19.73
N PHE A 623 -34.60 -2.05 19.58
CA PHE A 623 -33.28 -2.17 18.89
C PHE A 623 -33.35 -2.77 17.50
N SER A 624 -34.50 -2.68 16.86
CA SER A 624 -34.70 -3.31 15.57
C SER A 624 -35.01 -2.26 14.51
N GLN A 625 -34.71 -2.58 13.25
CA GLN A 625 -35.14 -1.75 12.11
C GLN A 625 -36.66 -1.82 11.97
N ASN A 626 -37.23 -0.90 11.24
CA ASN A 626 -38.62 -1.02 10.90
C ASN A 626 -38.81 -0.84 9.40
N CYS A 627 -39.75 -1.60 8.91
CA CYS A 627 -40.03 -1.62 7.51
C CYS A 627 -40.71 -0.34 7.07
N LEU A 628 -41.36 0.36 8.01
CA LEU A 628 -42.07 1.60 7.68
C LEU A 628 -41.11 2.63 7.11
N ALA A 629 -39.91 2.69 7.68
CA ALA A 629 -38.85 3.62 7.24
C ALA A 629 -38.51 3.36 5.80
N TYR A 630 -38.35 2.10 5.45
CA TYR A 630 -38.03 1.78 4.05
C TYR A 630 -39.19 2.07 3.10
N LYS A 631 -40.41 1.83 3.55
CA LYS A 631 -41.58 2.10 2.71
C LYS A 631 -41.62 3.61 2.50
N ASN A 632 -41.26 4.42 3.50
CA ASN A 632 -41.24 5.88 3.31
C ASN A 632 -40.00 6.48 2.61
N ASP A 633 -38.96 5.68 2.35
CA ASP A 633 -37.76 6.25 1.72
C ASP A 633 -37.87 6.02 0.23
N LYS A 634 -37.99 7.08 -0.52
CA LYS A 634 -38.20 6.95 -1.92
C LYS A 634 -36.90 6.52 -2.67
N GLN A 635 -35.74 6.66 -2.03
CA GLN A 635 -34.46 6.29 -2.64
C GLN A 635 -33.88 4.94 -2.14
N MET A 636 -34.21 4.54 -0.91
CA MET A 636 -33.55 3.43 -0.25
C MET A 636 -34.36 2.14 -0.22
N SER A 637 -33.72 1.03 -0.52
CA SER A 637 -34.32 -0.29 -0.38
C SER A 637 -33.58 -1.10 0.70
N TYR A 638 -33.71 -2.42 0.76
CA TYR A 638 -32.91 -3.22 1.71
C TYR A 638 -32.45 -4.49 1.03
N GLY A 639 -31.46 -5.11 1.68
CA GLY A 639 -30.94 -6.39 1.23
C GLY A 639 -30.65 -7.23 2.49
N PHE A 640 -29.99 -8.36 2.33
CA PHE A 640 -29.69 -9.25 3.43
C PHE A 640 -28.26 -9.61 3.38
N LEU A 641 -27.68 -9.77 4.57
CA LEU A 641 -26.26 -10.10 4.64
C LEU A 641 -26.00 -11.61 4.43
N PHE A 642 -26.73 -12.49 5.09
CA PHE A 642 -26.69 -13.91 4.74
C PHE A 642 -27.77 -14.01 3.67
N PRO A 643 -27.39 -14.56 2.51
CA PRO A 643 -28.38 -14.57 1.40
C PRO A 643 -29.38 -15.74 1.49
N PRO A 644 -30.68 -15.47 1.29
CA PRO A 644 -31.65 -16.57 1.34
C PRO A 644 -31.37 -17.64 0.25
N TYR A 645 -30.78 -17.20 -0.85
CA TYR A 645 -30.38 -18.04 -1.94
C TYR A 645 -29.49 -19.18 -1.51
N LEU A 646 -28.71 -19.00 -0.45
CA LEU A 646 -27.83 -20.04 -0.03
C LEU A 646 -28.30 -20.82 1.19
N SER A 647 -29.56 -20.72 1.54
CA SER A 647 -30.10 -21.50 2.60
C SER A 647 -29.93 -23.03 2.37
N SER A 648 -29.72 -23.76 3.47
CA SER A 648 -29.33 -25.15 3.42
C SER A 648 -30.55 -26.00 3.21
N SER A 649 -31.73 -25.46 3.55
CA SER A 649 -33.00 -26.15 3.45
C SER A 649 -34.12 -25.14 3.37
N PRO A 650 -35.31 -25.52 2.86
CA PRO A 650 -36.47 -24.64 2.86
C PRO A 650 -36.80 -24.14 4.23
N GLU A 651 -36.65 -25.02 5.19
CA GLU A 651 -36.90 -24.70 6.58
C GLU A 651 -35.95 -23.62 7.06
N ALA A 652 -34.67 -23.75 6.74
CA ALA A 652 -33.61 -22.89 7.25
C ALA A 652 -33.71 -21.53 6.59
N LYS A 653 -34.28 -21.48 5.38
CA LYS A 653 -34.47 -20.21 4.67
C LYS A 653 -35.23 -19.12 5.45
N TYR A 654 -36.10 -19.52 6.33
CA TYR A 654 -36.88 -18.49 7.06
C TYR A 654 -36.04 -17.61 7.94
N ASP A 655 -34.91 -18.12 8.46
CA ASP A 655 -34.04 -17.26 9.30
C ASP A 655 -33.41 -16.13 8.45
N ALA A 656 -33.24 -16.37 7.15
CA ALA A 656 -32.57 -15.35 6.30
C ALA A 656 -33.40 -14.10 6.13
N PHE A 657 -34.71 -14.21 6.38
CA PHE A 657 -35.62 -13.09 6.38
C PHE A 657 -35.78 -12.31 7.70
N LEU A 658 -35.01 -12.67 8.70
CA LEU A 658 -35.06 -11.93 9.98
C LEU A 658 -34.67 -10.47 9.79
N VAL A 659 -35.37 -9.59 10.50
CA VAL A 659 -35.06 -8.18 10.52
C VAL A 659 -33.63 -7.86 10.99
N THR A 660 -33.02 -8.81 11.70
CA THR A 660 -31.68 -8.67 12.17
C THR A 660 -30.61 -9.05 11.18
N ASN A 661 -31.04 -9.47 10.00
CA ASN A 661 -30.18 -9.81 8.86
C ASN A 661 -30.34 -8.75 7.76
N MET A 662 -31.18 -7.76 7.99
CA MET A 662 -31.53 -6.77 6.95
C MET A 662 -30.55 -5.59 7.02
N VAL A 663 -30.17 -5.06 5.86
CA VAL A 663 -29.35 -3.82 5.76
C VAL A 663 -29.88 -2.85 4.67
N PRO A 664 -29.71 -1.54 4.87
CA PRO A 664 -30.19 -0.63 3.86
C PRO A 664 -29.33 -0.68 2.57
N MET A 665 -29.98 -0.73 1.41
CA MET A 665 -29.29 -0.76 0.13
C MET A 665 -30.07 -0.01 -0.94
N TYR A 666 -29.37 0.86 -1.66
CA TYR A 666 -29.93 1.46 -2.83
C TYR A 666 -30.24 0.38 -3.84
N PRO A 667 -31.33 0.50 -4.60
CA PRO A 667 -31.54 -0.38 -5.76
C PRO A 667 -30.31 -0.54 -6.61
N ALA A 668 -29.56 0.54 -6.88
CA ALA A 668 -28.36 0.40 -7.73
C ALA A 668 -27.36 -0.58 -7.11
N PHE A 669 -27.18 -0.50 -5.80
CA PHE A 669 -26.29 -1.42 -5.10
C PHE A 669 -26.84 -2.86 -5.06
N LYS A 670 -28.14 -3.04 -4.89
CA LYS A 670 -28.75 -4.38 -4.90
C LYS A 670 -28.45 -5.16 -6.18
N ARG A 671 -28.33 -4.45 -7.32
CA ARG A 671 -27.92 -5.12 -8.54
C ARG A 671 -26.58 -5.88 -8.40
N VAL A 672 -25.64 -5.24 -7.72
CA VAL A 672 -24.32 -5.79 -7.48
C VAL A 672 -24.44 -6.85 -6.38
N TRP A 673 -25.14 -6.52 -5.29
CA TRP A 673 -25.19 -7.42 -4.15
C TRP A 673 -25.93 -8.69 -4.44
N THR A 674 -27.07 -8.65 -5.12
CA THR A 674 -27.75 -9.88 -5.46
C THR A 674 -26.89 -10.78 -6.32
N TYR A 675 -26.12 -10.19 -7.24
CA TYR A 675 -25.35 -11.01 -8.16
C TYR A 675 -24.23 -11.66 -7.38
N PHE A 676 -23.58 -10.89 -6.52
CA PHE A 676 -22.57 -11.45 -5.62
C PHE A 676 -23.13 -12.63 -4.84
N GLN A 677 -24.26 -12.43 -4.18
CA GLN A 677 -24.78 -13.45 -3.28
C GLN A 677 -25.34 -14.70 -3.97
N ARG A 678 -26.04 -14.51 -5.09
CA ARG A 678 -26.70 -15.56 -5.80
C ARG A 678 -25.76 -16.29 -6.74
N VAL A 679 -24.81 -15.59 -7.35
CA VAL A 679 -23.93 -16.20 -8.34
C VAL A 679 -22.53 -16.36 -7.85
N LEU A 680 -21.91 -15.29 -7.34
CA LEU A 680 -20.47 -15.35 -7.13
C LEU A 680 -20.01 -16.18 -5.93
N VAL A 681 -20.74 -16.07 -4.84
CA VAL A 681 -20.35 -16.82 -3.64
C VAL A 681 -20.28 -18.31 -4.01
N LYS A 682 -21.29 -18.84 -4.72
CA LYS A 682 -21.22 -20.24 -5.11
C LYS A 682 -20.08 -20.53 -6.06
N LYS A 683 -19.88 -19.65 -7.05
CA LYS A 683 -18.73 -19.79 -7.93
C LYS A 683 -17.43 -19.93 -7.10
N TYR A 684 -17.21 -19.05 -6.14
CA TYR A 684 -16.04 -19.13 -5.29
C TYR A 684 -15.98 -20.45 -4.49
N ALA A 685 -17.14 -20.87 -3.99
CA ALA A 685 -17.18 -22.10 -3.24
C ALA A 685 -16.80 -23.27 -4.17
N SER A 686 -17.22 -23.23 -5.43
CA SER A 686 -16.85 -24.34 -6.37
C SER A 686 -15.36 -24.41 -6.65
N GLU A 687 -14.75 -23.26 -6.88
CA GLU A 687 -13.37 -23.14 -7.27
C GLU A 687 -12.42 -23.33 -6.09
N ARG A 688 -12.84 -22.95 -4.90
CA ARG A 688 -11.92 -22.93 -3.75
C ARG A 688 -12.18 -24.06 -2.75
N ASN A 689 -13.11 -24.96 -3.10
CA ASN A 689 -13.49 -26.12 -2.29
C ASN A 689 -14.10 -25.63 -0.95
N GLY A 690 -15.19 -24.90 -1.08
CA GLY A 690 -15.81 -24.27 0.06
C GLY A 690 -15.18 -22.92 0.33
N VAL A 691 -16.01 -21.99 0.78
CA VAL A 691 -15.51 -20.69 1.29
C VAL A 691 -16.26 -20.35 2.55
N ASN A 692 -15.57 -19.67 3.45
CA ASN A 692 -16.18 -18.96 4.57
C ASN A 692 -16.27 -17.49 4.29
N VAL A 693 -17.45 -16.91 4.47
CA VAL A 693 -17.71 -15.53 4.14
C VAL A 693 -18.11 -14.75 5.39
N ILE A 694 -17.47 -13.59 5.56
CA ILE A 694 -17.89 -12.61 6.54
C ILE A 694 -18.18 -11.32 5.84
N SER A 695 -19.40 -10.84 6.04
CA SER A 695 -19.87 -9.70 5.34
C SER A 695 -20.38 -8.70 6.38
N GLY A 696 -20.38 -7.44 6.01
CA GLY A 696 -20.96 -6.42 6.86
C GLY A 696 -20.83 -5.00 6.30
N PRO A 697 -21.34 -4.03 7.07
CA PRO A 697 -21.36 -2.67 6.69
C PRO A 697 -20.12 -1.91 7.11
N ILE A 698 -19.86 -0.80 6.38
CA ILE A 698 -18.83 0.14 6.75
C ILE A 698 -19.40 1.53 6.69
N PHE A 699 -19.07 2.35 7.70
CA PHE A 699 -19.39 3.78 7.74
C PHE A 699 -18.09 4.66 7.75
N ASP A 700 -17.82 5.36 6.63
CA ASP A 700 -16.67 6.27 6.54
C ASP A 700 -17.08 7.58 5.84
N TYR A 701 -18.02 8.29 6.42
CA TYR A 701 -18.52 9.50 5.84
C TYR A 701 -17.39 10.57 5.72
N ASN A 702 -16.34 10.57 6.54
CA ASN A 702 -15.31 11.61 6.49
C ASN A 702 -14.08 11.07 5.79
N TYR A 703 -14.24 9.94 5.08
CA TYR A 703 -13.22 9.35 4.19
C TYR A 703 -11.85 9.30 4.77
N ASN A 704 -11.75 8.92 6.05
CA ASN A 704 -10.42 8.87 6.67
C ASN A 704 -9.90 7.45 6.77
N GLY A 705 -10.59 6.50 6.18
CA GLY A 705 -10.19 5.06 6.31
C GLY A 705 -10.44 4.41 7.67
N LEU A 706 -11.09 5.10 8.56
CA LEU A 706 -11.33 4.66 9.91
C LEU A 706 -12.85 4.66 10.19
N ARG A 707 -13.24 3.71 11.03
CA ARG A 707 -14.63 3.56 11.49
C ARG A 707 -15.18 4.87 11.97
N ASP A 708 -16.36 5.22 11.51
CA ASP A 708 -17.00 6.39 12.00
C ASP A 708 -17.57 6.21 13.42
N ILE A 709 -17.54 7.26 14.23
CA ILE A 709 -18.44 7.34 15.39
C ILE A 709 -19.79 7.88 14.96
N GLU A 710 -20.81 7.83 15.85
CA GLU A 710 -22.18 8.11 15.40
C GLU A 710 -22.36 9.52 14.88
N ASP A 711 -21.64 10.47 15.52
CA ASP A 711 -21.70 11.89 15.12
C ASP A 711 -21.27 12.10 13.65
N GLU A 712 -20.35 11.26 13.21
CA GLU A 712 -19.90 11.34 11.82
C GLU A 712 -20.84 10.78 10.74
N ILE A 713 -21.84 10.00 11.14
CA ILE A 713 -22.71 9.37 10.15
C ILE A 713 -23.69 10.43 9.73
N LYS A 714 -23.82 10.64 8.43
CA LYS A 714 -24.61 11.75 7.88
C LYS A 714 -25.82 11.37 7.10
N GLN A 715 -26.16 10.06 6.92
CA GLN A 715 -27.37 9.70 6.18
C GLN A 715 -28.03 8.57 6.92
N TYR A 716 -29.35 8.64 7.01
CA TYR A 716 -30.18 7.62 7.66
C TYR A 716 -31.39 7.33 6.76
N VAL A 717 -31.96 6.15 6.92
CA VAL A 717 -33.16 5.81 6.16
C VAL A 717 -34.22 6.83 6.60
N GLU A 718 -34.96 7.42 5.68
CA GLU A 718 -35.87 8.51 6.05
C GLU A 718 -36.64 8.31 7.37
N GLY A 719 -36.44 9.23 8.32
CA GLY A 719 -37.29 9.35 9.50
C GLY A 719 -36.97 8.29 10.51
N SER A 720 -35.72 7.84 10.55
CA SER A 720 -35.37 6.73 11.37
C SER A 720 -34.03 7.02 11.90
N SER A 721 -33.59 6.20 12.81
CA SER A 721 -32.26 6.26 13.24
C SER A 721 -31.46 5.13 12.59
N ILE A 722 -31.92 4.61 11.44
CA ILE A 722 -31.19 3.49 10.79
C ILE A 722 -30.10 4.11 9.92
N PRO A 723 -28.83 3.89 10.27
CA PRO A 723 -27.77 4.58 9.50
C PRO A 723 -27.45 3.92 8.17
N VAL A 724 -27.04 4.73 7.19
CA VAL A 724 -26.76 4.24 5.84
C VAL A 724 -25.23 4.01 5.73
N PRO A 725 -24.83 2.75 5.49
CA PRO A 725 -23.42 2.48 5.26
C PRO A 725 -22.86 3.19 4.01
N THR A 726 -21.58 3.55 4.05
CA THR A 726 -20.88 4.11 2.87
C THR A 726 -20.38 2.96 1.99
N HIS A 727 -20.10 1.82 2.63
CA HIS A 727 -19.70 0.66 1.89
C HIS A 727 -20.16 -0.60 2.51
N TYR A 728 -20.01 -1.70 1.77
CA TYR A 728 -20.18 -3.06 2.30
C TYR A 728 -18.94 -3.90 2.03
N TYR A 729 -18.53 -4.66 3.02
CA TYR A 729 -17.38 -5.52 2.87
C TYR A 729 -17.74 -6.95 2.78
N SER A 730 -16.83 -7.72 2.23
CA SER A 730 -16.95 -9.17 2.41
C SER A 730 -15.56 -9.75 2.40
N ILE A 731 -15.32 -10.70 3.29
CA ILE A 731 -14.07 -11.40 3.42
C ILE A 731 -14.27 -12.87 3.12
N ILE A 732 -13.54 -13.42 2.14
CA ILE A 732 -13.79 -14.78 1.64
C ILE A 732 -12.60 -15.64 1.84
N THR A 733 -12.70 -16.56 2.78
CA THR A 733 -11.52 -17.35 3.18
C THR A 733 -11.69 -18.84 2.85
N SER A 734 -10.60 -19.51 2.49
CA SER A 734 -10.63 -20.93 2.22
C SER A 734 -9.24 -21.47 2.56
N CYS A 735 -9.02 -22.74 2.27
CA CYS A 735 -7.75 -23.37 2.54
C CYS A 735 -6.84 -23.08 1.35
N LEU A 736 -5.60 -22.64 1.62
CA LEU A 736 -4.63 -22.42 0.55
C LEU A 736 -4.43 -23.73 -0.26
N ASP A 737 -4.31 -24.84 0.44
CA ASP A 737 -4.46 -26.19 -0.16
C ASP A 737 -5.95 -26.56 -0.37
N PHE A 738 -6.43 -26.27 -1.57
CA PHE A 738 -7.85 -26.45 -2.00
C PHE A 738 -8.33 -27.88 -2.03
N THR A 739 -7.45 -28.83 -1.70
CA THR A 739 -7.81 -30.21 -1.67
C THR A 739 -8.40 -30.52 -0.34
N GLN A 740 -8.28 -29.61 0.62
CA GLN A 740 -9.03 -29.71 1.86
C GLN A 740 -10.13 -28.74 1.77
N PRO A 741 -11.30 -29.10 2.29
CA PRO A 741 -12.44 -28.17 2.28
C PRO A 741 -12.25 -27.02 3.27
N ALA A 742 -12.88 -25.89 3.02
CA ALA A 742 -12.71 -24.69 3.86
C ALA A 742 -12.87 -25.00 5.36
N ASP A 743 -13.84 -25.85 5.68
CA ASP A 743 -14.13 -26.16 7.06
C ASP A 743 -13.25 -27.21 7.68
N LYS A 744 -12.29 -27.77 6.97
CA LYS A 744 -11.41 -28.80 7.58
C LYS A 744 -10.03 -28.56 7.08
N CYS A 745 -9.54 -27.35 7.28
CA CYS A 745 -8.26 -26.92 6.76
C CYS A 745 -7.17 -27.03 7.86
N ASP A 746 -6.07 -27.71 7.55
CA ASP A 746 -4.98 -27.98 8.50
C ASP A 746 -3.83 -27.00 8.43
N GLY A 747 -3.84 -26.11 7.46
CA GLY A 747 -2.65 -25.35 7.11
C GLY A 747 -2.99 -23.92 6.78
N PRO A 748 -2.13 -23.25 5.99
CA PRO A 748 -2.29 -21.85 5.66
C PRO A 748 -3.60 -21.59 4.95
N LEU A 749 -4.07 -20.39 5.14
CA LEU A 749 -5.34 -19.92 4.61
C LEU A 749 -5.15 -19.11 3.35
N SER A 750 -6.25 -18.94 2.62
CA SER A 750 -6.28 -18.15 1.42
C SER A 750 -7.45 -17.19 1.55
N VAL A 751 -7.21 -15.95 1.28
CA VAL A 751 -8.25 -14.93 1.47
C VAL A 751 -8.35 -14.00 0.28
N SER A 752 -9.55 -13.53 0.00
CA SER A 752 -9.82 -12.34 -0.84
C SER A 752 -10.96 -11.54 -0.23
N SER A 753 -10.89 -10.21 -0.36
CA SER A 753 -11.84 -9.33 0.26
C SER A 753 -12.15 -8.15 -0.61
N PHE A 754 -13.25 -7.45 -0.28
CA PHE A 754 -13.79 -6.40 -1.09
C PHE A 754 -14.34 -5.39 -0.11
N ILE A 755 -14.27 -4.12 -0.48
CA ILE A 755 -15.02 -3.04 0.14
C ILE A 755 -15.76 -2.34 -1.00
N LEU A 756 -17.02 -2.67 -1.14
CA LEU A 756 -17.81 -2.17 -2.24
C LEU A 756 -18.48 -0.86 -1.86
N PRO A 757 -18.40 0.14 -2.74
CA PRO A 757 -19.03 1.39 -2.48
C PRO A 757 -20.51 1.29 -2.58
N HIS A 758 -21.18 1.88 -1.62
CA HIS A 758 -22.63 1.86 -1.52
C HIS A 758 -23.18 3.17 -2.13
N ARG A 759 -23.47 3.15 -3.42
CA ARG A 759 -23.82 4.37 -4.20
C ARG A 759 -25.21 4.24 -4.78
N PRO A 760 -25.87 5.40 -4.98
CA PRO A 760 -27.21 5.45 -5.50
C PRO A 760 -27.30 5.16 -7.01
N ASP A 761 -26.18 5.05 -7.71
CA ASP A 761 -26.20 4.82 -9.11
C ASP A 761 -24.96 3.96 -9.46
N ASN A 762 -25.00 3.33 -10.65
CA ASN A 762 -23.88 2.59 -11.18
C ASN A 762 -23.13 3.39 -12.24
N ASP A 763 -23.01 4.69 -12.04
CA ASP A 763 -22.25 5.51 -13.00
C ASP A 763 -20.77 5.12 -13.11
N GLU A 764 -20.20 4.53 -12.07
CA GLU A 764 -18.87 4.02 -12.13
C GLU A 764 -18.70 2.92 -13.18
N SER A 765 -19.75 2.15 -13.42
CA SER A 765 -19.66 0.94 -14.29
C SER A 765 -20.21 1.32 -15.65
N CYS A 766 -19.31 1.54 -16.62
CA CYS A 766 -19.75 2.02 -17.94
C CYS A 766 -20.73 1.07 -18.65
N ASN A 767 -20.61 -0.23 -18.37
CA ASN A 767 -21.46 -1.24 -18.99
C ASN A 767 -22.63 -1.73 -18.15
N SER A 768 -23.04 -0.94 -17.17
CA SER A 768 -24.06 -1.35 -16.21
C SER A 768 -25.45 -1.47 -16.81
N SER A 769 -25.70 -0.89 -18.00
CA SER A 769 -27.03 -1.09 -18.55
C SER A 769 -27.18 -2.54 -18.97
N GLU A 770 -26.09 -3.30 -19.05
CA GLU A 770 -26.14 -4.71 -19.45
C GLU A 770 -26.38 -5.67 -18.27
N ASP A 771 -26.47 -6.97 -18.59
CA ASP A 771 -26.67 -8.00 -17.55
C ASP A 771 -25.47 -7.92 -16.60
N GLU A 772 -25.68 -8.19 -15.33
CA GLU A 772 -24.66 -8.17 -14.30
C GLU A 772 -23.40 -9.06 -14.57
N SER A 773 -23.56 -10.14 -15.35
CA SER A 773 -22.41 -10.98 -15.71
C SER A 773 -21.45 -10.24 -16.61
N LYS A 774 -21.87 -9.08 -17.11
CA LYS A 774 -20.95 -8.25 -17.91
C LYS A 774 -20.23 -7.14 -17.21
N TRP A 775 -20.53 -6.84 -15.95
CA TRP A 775 -19.91 -5.69 -15.30
C TRP A 775 -19.68 -5.81 -13.80
N VAL A 776 -20.44 -6.63 -13.08
CA VAL A 776 -20.29 -6.67 -11.63
C VAL A 776 -18.94 -7.18 -11.20
N GLU A 777 -18.42 -8.23 -11.80
CA GLU A 777 -17.11 -8.68 -11.42
C GLU A 777 -15.95 -7.68 -11.62
N GLU A 778 -16.03 -6.92 -12.70
CA GLU A 778 -15.02 -5.89 -13.04
C GLU A 778 -15.09 -4.79 -11.96
N LEU A 779 -16.31 -4.49 -11.52
CA LEU A 779 -16.44 -3.61 -10.44
C LEU A 779 -15.78 -4.12 -9.12
N MET A 780 -16.07 -5.34 -8.75
CA MET A 780 -15.49 -5.92 -7.60
C MET A 780 -13.98 -6.00 -7.61
N LYS A 781 -13.37 -6.30 -8.75
CA LYS A 781 -11.92 -6.43 -8.82
C LYS A 781 -11.26 -5.08 -8.53
N MET A 782 -11.91 -3.99 -8.93
CA MET A 782 -11.40 -2.68 -8.70
C MET A 782 -11.42 -2.30 -7.19
N HIS A 783 -12.39 -2.86 -6.48
CA HIS A 783 -12.57 -2.61 -5.08
C HIS A 783 -12.13 -3.74 -4.12
N THR A 784 -11.23 -4.60 -4.58
CA THR A 784 -10.51 -5.52 -3.75
C THR A 784 -9.88 -4.80 -2.55
N ALA A 785 -9.67 -5.50 -1.46
CA ALA A 785 -9.13 -4.88 -0.28
C ALA A 785 -8.43 -5.86 0.58
N ARG A 786 -7.59 -5.33 1.45
CA ARG A 786 -6.98 -6.15 2.53
C ARG A 786 -7.93 -6.32 3.68
N VAL A 787 -7.83 -7.47 4.34
CA VAL A 787 -8.53 -7.62 5.62
C VAL A 787 -8.20 -6.47 6.61
N ARG A 788 -6.96 -6.05 6.62
CA ARG A 788 -6.54 -4.96 7.46
C ARG A 788 -7.31 -3.66 7.16
N ASP A 789 -7.55 -3.38 5.89
CA ASP A 789 -8.30 -2.19 5.50
C ASP A 789 -9.69 -2.24 6.13
N ILE A 790 -10.31 -3.43 6.10
CA ILE A 790 -11.64 -3.59 6.70
C ILE A 790 -11.58 -3.44 8.24
N GLU A 791 -10.54 -4.01 8.85
CA GLU A 791 -10.34 -3.84 10.26
C GLU A 791 -10.30 -2.36 10.65
N HIS A 792 -9.56 -1.55 9.93
CA HIS A 792 -9.57 -0.13 10.27
C HIS A 792 -10.96 0.48 10.13
N LEU A 793 -11.66 0.10 9.07
CA LEU A 793 -12.94 0.70 8.77
C LEU A 793 -14.14 0.26 9.66
N THR A 794 -13.96 -0.84 10.40
CA THR A 794 -15.04 -1.46 11.21
C THR A 794 -14.68 -1.49 12.69
N GLY A 795 -13.39 -1.39 13.06
CA GLY A 795 -12.97 -1.66 14.39
C GLY A 795 -13.19 -3.09 14.89
N LEU A 796 -13.02 -4.05 14.01
CA LEU A 796 -13.12 -5.44 14.28
C LEU A 796 -11.74 -5.98 14.09
N ASP A 797 -11.46 -7.08 14.75
CA ASP A 797 -10.23 -7.83 14.57
C ASP A 797 -10.56 -9.34 14.25
N PHE A 798 -10.16 -9.75 13.08
CA PHE A 798 -10.46 -11.10 12.53
C PHE A 798 -9.36 -12.14 12.80
N TYR A 799 -9.71 -13.40 12.56
CA TYR A 799 -8.77 -14.52 12.65
C TYR A 799 -8.11 -14.70 14.01
N ARG A 800 -8.85 -14.54 15.06
CA ARG A 800 -8.26 -14.61 16.40
C ARG A 800 -8.08 -16.04 16.92
N LYS A 801 -8.83 -16.98 16.38
CA LYS A 801 -8.66 -18.38 16.83
C LYS A 801 -8.36 -19.26 15.67
N THR A 802 -7.09 -19.45 15.37
CA THR A 802 -6.66 -20.26 14.25
C THR A 802 -5.52 -21.18 14.77
N SER A 803 -5.11 -22.12 13.93
CA SER A 803 -3.96 -22.92 14.27
C SER A 803 -2.67 -22.29 13.70
N ARG A 804 -2.70 -21.07 13.17
CA ARG A 804 -1.54 -20.48 12.60
C ARG A 804 -0.87 -19.52 13.60
N SER A 805 0.41 -19.21 13.41
CA SER A 805 1.03 -18.21 14.25
C SER A 805 0.42 -16.80 14.00
N TYR A 806 0.58 -15.93 15.00
CA TYR A 806 0.06 -14.59 14.90
C TYR A 806 0.75 -13.81 13.73
N SER A 807 2.03 -14.04 13.58
CA SER A 807 2.76 -13.38 12.50
C SER A 807 2.28 -13.83 11.17
N GLU A 808 1.92 -15.12 11.06
CA GLU A 808 1.33 -15.60 9.78
C GLU A 808 -0.01 -14.99 9.48
N ILE A 809 -0.83 -14.86 10.50
CA ILE A 809 -2.11 -14.21 10.36
C ILE A 809 -1.98 -12.70 10.00
N LEU A 810 -1.01 -12.01 10.55
CA LEU A 810 -0.83 -10.59 10.19
C LEU A 810 -0.46 -10.46 8.70
N THR A 811 0.37 -11.39 8.24
CA THR A 811 0.68 -11.49 6.81
C THR A 811 -0.60 -11.73 5.96
N LEU A 812 -1.40 -12.70 6.38
CA LEU A 812 -2.68 -12.95 5.72
C LEU A 812 -3.57 -11.71 5.68
N LYS A 813 -3.59 -10.98 6.79
CA LYS A 813 -4.44 -9.79 6.83
C LYS A 813 -3.92 -8.60 5.99
N THR A 814 -2.63 -8.60 5.66
CA THR A 814 -2.10 -7.59 4.76
C THR A 814 -2.08 -8.00 3.28
N TYR A 815 -2.44 -9.25 2.97
CA TYR A 815 -2.58 -9.67 1.56
C TYR A 815 -3.70 -8.94 0.77
N LEU A 816 -3.39 -8.59 -0.47
CA LEU A 816 -4.36 -8.04 -1.38
C LEU A 816 -4.44 -8.92 -2.64
N HIS A 817 -5.65 -9.42 -2.96
CA HIS A 817 -5.84 -10.22 -4.11
C HIS A 817 -5.96 -9.24 -5.25
N THR A 818 -5.05 -9.29 -6.21
CA THR A 818 -5.03 -8.17 -7.18
C THR A 818 -5.69 -8.43 -8.49
N TYR A 819 -5.90 -9.66 -8.91
CA TYR A 819 -6.52 -9.86 -10.23
C TYR A 819 -5.68 -9.30 -11.38
N GLU A 820 -4.38 -9.10 -11.11
CA GLU A 820 -3.35 -8.83 -12.13
C GLU A 820 -2.57 -10.11 -12.47
#